data_3MA0
#
_entry.id   3MA0
#
_cell.length_a   156.064
_cell.length_b   156.064
_cell.length_c   103.609
_cell.angle_alpha   90.00
_cell.angle_beta   90.00
_cell.angle_gamma   120.00
#
_symmetry.space_group_name_H-M   'P 32 2 1'
#
loop_
_entity.id
_entity.type
_entity.pdbx_description
1 polymer 'D-xylose-binding periplasmic protein'
2 non-polymer beta-D-xylopyranose
3 water water
#
_entity_poly.entity_id   1
_entity_poly.type   'polypeptide(L)'
_entity_poly.pdbx_seq_one_letter_code
;KEVKIGMAIDDLRLERWQKDRDIFVKKAESLGAKVFVQSANGNEETQMSQIENMINRGVDVLVIIPYNGQVLSNVVKEAK
QEGIKVLAYDRMINDADIDFYISFDNEKVGELQAKALVDIVPQGNYFLMGGSPVDNNAKLFRAGQMKVLKPYVDSGKIKV
VGDQWVDGWLPENALKIMENALTANNNKIDAVVASNDATAGGAIQALSAQGLSGKVAISGQDADLAGIKRIAAGTQTMTV
YKPITLLANTAAEIAVELGNGQEPKADTTLNNGLKDVPSRLLTPIDVNKNNIKDTVIKDGFHKESELHHHHHH
;
_entity_poly.pdbx_strand_id   A,B,C
#
# COMPACT_ATOMS: atom_id res chain seq x y z
N LYS A 1 -5.78 14.85 -37.51
CA LYS A 1 -4.30 14.81 -37.22
C LYS A 1 -4.04 14.29 -35.79
N GLU A 2 -3.50 13.08 -35.70
CA GLU A 2 -3.04 12.52 -34.43
C GLU A 2 -1.67 13.12 -34.13
N VAL A 3 -1.62 13.91 -33.07
CA VAL A 3 -0.38 14.46 -32.57
C VAL A 3 0.24 13.42 -31.63
N LYS A 4 1.53 13.16 -31.78
CA LYS A 4 2.22 12.31 -30.80
C LYS A 4 2.96 13.22 -29.81
N ILE A 5 2.84 12.92 -28.53
CA ILE A 5 3.41 13.74 -27.49
C ILE A 5 4.32 12.89 -26.62
N GLY A 6 5.55 13.36 -26.42
CA GLY A 6 6.46 12.76 -25.45
C GLY A 6 6.53 13.66 -24.22
N MET A 7 6.22 13.10 -23.06
CA MET A 7 6.22 13.83 -21.80
C MET A 7 7.36 13.32 -20.92
N ALA A 8 8.35 14.18 -20.69
CA ALA A 8 9.54 13.77 -19.99
C ALA A 8 9.61 14.51 -18.68
N ILE A 9 9.39 13.77 -17.59
CA ILE A 9 9.26 14.38 -16.27
C ILE A 9 10.44 14.05 -15.36
N ASP A 10 10.54 14.78 -14.27
CA ASP A 10 11.65 14.69 -13.37
C ASP A 10 11.45 13.43 -12.52
N ASP A 11 10.50 13.45 -11.58
CA ASP A 11 10.10 12.23 -10.88
C ASP A 11 8.63 12.26 -10.43
N LEU A 12 8.22 11.24 -9.70
CA LEU A 12 6.88 11.13 -9.15
C LEU A 12 6.87 11.16 -7.61
N ARG A 13 7.94 11.68 -7.01
CA ARG A 13 8.06 11.72 -5.55
C ARG A 13 7.18 12.75 -4.87
N LEU A 14 7.00 13.90 -5.50
CA LEU A 14 6.10 14.89 -4.91
C LEU A 14 4.71 14.52 -5.31
N GLU A 15 3.79 14.62 -4.36
CA GLU A 15 2.39 14.22 -4.57
C GLU A 15 1.77 14.85 -5.83
N ARG A 16 2.13 16.09 -6.18
CA ARG A 16 1.50 16.71 -7.35
C ARG A 16 1.79 15.99 -8.69
N TRP A 17 2.97 15.36 -8.83
CA TRP A 17 3.40 14.96 -10.18
C TRP A 17 2.57 13.86 -10.77
N GLN A 18 2.06 12.95 -9.94
CA GLN A 18 1.12 11.96 -10.47
C GLN A 18 -0.16 12.57 -11.05
N LYS A 19 -0.58 13.68 -10.47
CA LYS A 19 -1.80 14.36 -10.96
C LYS A 19 -1.50 15.14 -12.22
N ASP A 20 -0.31 15.80 -12.28
CA ASP A 20 0.11 16.45 -13.54
C ASP A 20 0.15 15.43 -14.66
N ARG A 21 0.74 14.26 -14.40
CA ARG A 21 0.77 13.19 -15.42
C ARG A 21 -0.65 12.75 -15.83
N ASP A 22 -1.46 12.33 -14.86
CA ASP A 22 -2.79 11.77 -15.16
C ASP A 22 -3.76 12.74 -15.82
N ILE A 23 -3.82 13.99 -15.35
CA ILE A 23 -4.71 14.95 -15.96
C ILE A 23 -4.20 15.33 -17.35
N PHE A 24 -2.88 15.49 -17.50
CA PHE A 24 -2.34 15.90 -18.80
C PHE A 24 -2.67 14.86 -19.87
N VAL A 25 -2.41 13.61 -19.52
CA VAL A 25 -2.56 12.50 -20.46
C VAL A 25 -4.04 12.34 -20.86
N LYS A 26 -4.92 12.37 -19.87
CA LYS A 26 -6.35 12.22 -20.08
C LYS A 26 -6.86 13.29 -21.05
N LYS A 27 -6.53 14.56 -20.78
CA LYS A 27 -6.90 15.65 -21.69
C LYS A 27 -6.28 15.52 -23.08
N ALA A 28 -4.97 15.24 -23.15
CA ALA A 28 -4.33 15.05 -24.47
C ALA A 28 -5.01 13.93 -25.27
N GLU A 29 -5.32 12.80 -24.63
CA GLU A 29 -6.00 11.72 -25.30
C GLU A 29 -7.43 12.12 -25.71
N SER A 30 -8.13 12.83 -24.84
CA SER A 30 -9.43 13.37 -25.18
C SER A 30 -9.36 14.29 -26.41
N LEU A 31 -8.23 15.00 -26.59
CA LEU A 31 -8.01 15.85 -27.78
C LEU A 31 -7.50 15.09 -29.00
N GLY A 32 -7.44 13.77 -28.89
CA GLY A 32 -7.12 12.90 -30.03
C GLY A 32 -5.64 12.53 -30.11
N ALA A 33 -4.85 12.95 -29.12
CA ALA A 33 -3.40 12.76 -29.19
C ALA A 33 -3.00 11.43 -28.60
N LYS A 34 -1.74 11.04 -28.83
CA LYS A 34 -1.15 9.82 -28.30
C LYS A 34 0.03 10.29 -27.42
N VAL A 35 0.12 9.82 -26.18
CA VAL A 35 1.11 10.36 -25.24
C VAL A 35 1.98 9.25 -24.63
N PHE A 36 3.27 9.52 -24.55
CA PHE A 36 4.21 8.59 -23.96
C PHE A 36 4.90 9.33 -22.83
N VAL A 37 4.80 8.78 -21.62
CA VAL A 37 5.35 9.43 -20.43
C VAL A 37 6.53 8.67 -19.87
N GLN A 38 7.62 9.40 -19.57
CA GLN A 38 8.78 8.78 -18.91
C GLN A 38 9.27 9.64 -17.73
N SER A 39 9.72 8.98 -16.69
CA SER A 39 10.33 9.65 -15.56
C SER A 39 11.82 9.42 -15.51
N ALA A 40 12.54 10.50 -15.24
CA ALA A 40 14.01 10.53 -15.13
C ALA A 40 14.54 9.97 -13.82
N ASN A 41 13.67 9.78 -12.84
CA ASN A 41 14.13 9.54 -11.46
C ASN A 41 15.18 10.58 -11.00
N GLY A 42 14.98 11.85 -11.41
CA GLY A 42 15.83 12.95 -10.99
C GLY A 42 17.27 12.79 -11.44
N ASN A 43 17.45 12.26 -12.64
CA ASN A 43 18.79 12.07 -13.21
C ASN A 43 18.83 12.73 -14.57
N GLU A 44 19.71 13.70 -14.73
CA GLU A 44 19.74 14.50 -15.95
C GLU A 44 20.11 13.71 -17.19
N GLU A 45 20.97 12.69 -17.02
CA GLU A 45 21.35 11.84 -18.16
C GLU A 45 20.22 10.88 -18.57
N THR A 46 19.51 10.31 -17.59
CA THR A 46 18.29 9.57 -17.90
C THR A 46 17.28 10.47 -18.64
N GLN A 47 17.12 11.70 -18.18
CA GLN A 47 16.19 12.62 -18.87
C GLN A 47 16.61 12.90 -20.31
N MET A 48 17.89 13.21 -20.53
CA MET A 48 18.36 13.40 -21.90
C MET A 48 18.08 12.17 -22.79
N SER A 49 18.42 10.97 -22.31
CA SER A 49 18.20 9.73 -23.07
C SER A 49 16.73 9.55 -23.41
N GLN A 50 15.86 9.76 -22.42
CA GLN A 50 14.42 9.58 -22.66
C GLN A 50 13.92 10.54 -23.71
N ILE A 51 14.36 11.79 -23.64
CA ILE A 51 13.96 12.77 -24.63
C ILE A 51 14.44 12.33 -26.03
N GLU A 52 15.69 11.88 -26.11
CA GLU A 52 16.29 11.47 -27.38
C GLU A 52 15.53 10.28 -27.94
N ASN A 53 15.12 9.37 -27.07
CA ASN A 53 14.27 8.27 -27.47
C ASN A 53 12.93 8.72 -28.02
N MET A 54 12.36 9.74 -27.39
CA MET A 54 11.09 10.27 -27.86
C MET A 54 11.26 10.90 -29.24
N ILE A 55 12.38 11.61 -29.44
CA ILE A 55 12.68 12.22 -30.73
C ILE A 55 12.79 11.15 -31.81
N ASN A 56 13.55 10.08 -31.54
CA ASN A 56 13.70 8.94 -32.48
C ASN A 56 12.43 8.19 -32.80
N ARG A 57 11.51 8.11 -31.84
CA ARG A 57 10.20 7.49 -32.06
C ARG A 57 9.27 8.41 -32.84
N GLY A 58 9.73 9.61 -33.17
CA GLY A 58 8.95 10.55 -34.02
C GLY A 58 7.78 11.30 -33.36
N VAL A 59 7.90 11.66 -32.09
CA VAL A 59 6.89 12.58 -31.48
C VAL A 59 6.85 13.94 -32.21
N ASP A 60 5.69 14.58 -32.18
CA ASP A 60 5.52 15.92 -32.76
C ASP A 60 5.85 17.01 -31.76
N VAL A 61 5.69 16.69 -30.47
CA VAL A 61 5.83 17.68 -29.40
C VAL A 61 6.48 16.98 -28.22
N LEU A 62 7.43 17.66 -27.60
CA LEU A 62 7.98 17.28 -26.32
C LEU A 62 7.39 18.19 -25.25
N VAL A 63 7.01 17.60 -24.13
CA VAL A 63 6.55 18.32 -22.97
C VAL A 63 7.44 17.88 -21.84
N ILE A 64 8.27 18.79 -21.34
CA ILE A 64 9.37 18.46 -20.40
C ILE A 64 9.23 19.18 -19.07
N ILE A 65 9.26 18.41 -17.99
CA ILE A 65 9.48 18.97 -16.66
C ILE A 65 10.94 18.67 -16.35
N PRO A 66 11.84 19.68 -16.52
CA PRO A 66 13.26 19.38 -16.32
C PRO A 66 13.60 19.08 -14.87
N TYR A 67 14.45 18.08 -14.68
CA TYR A 67 15.09 17.90 -13.39
C TYR A 67 16.11 19.03 -13.19
N ASN A 68 17.01 19.17 -14.15
CA ASN A 68 18.01 20.24 -14.18
C ASN A 68 17.74 21.08 -15.40
N GLY A 69 17.33 22.33 -15.19
CA GLY A 69 16.92 23.17 -16.33
C GLY A 69 18.03 23.79 -17.17
N GLN A 70 19.29 23.51 -16.78
CA GLN A 70 20.45 24.15 -17.44
C GLN A 70 21.24 23.24 -18.41
N VAL A 71 20.88 21.96 -18.49
CA VAL A 71 21.69 21.01 -19.25
C VAL A 71 20.98 20.41 -20.46
N LEU A 72 19.93 21.09 -20.95
CA LEU A 72 19.06 20.51 -21.97
C LEU A 72 19.13 21.18 -23.32
N SER A 73 20.10 22.08 -23.48
CA SER A 73 20.20 22.91 -24.68
C SER A 73 20.40 22.06 -25.90
N ASN A 74 21.29 21.07 -25.78
CA ASN A 74 21.63 20.25 -26.94
C ASN A 74 20.47 19.37 -27.38
N VAL A 75 19.84 18.72 -26.40
CA VAL A 75 18.72 17.85 -26.69
C VAL A 75 17.53 18.63 -27.28
N VAL A 76 17.42 19.91 -26.91
CA VAL A 76 16.39 20.77 -27.49
C VAL A 76 16.78 21.10 -28.93
N LYS A 77 18.07 21.37 -29.16
CA LYS A 77 18.52 21.56 -30.55
C LYS A 77 18.24 20.31 -31.44
N GLU A 78 18.47 19.12 -30.89
CA GLU A 78 18.11 17.86 -31.59
C GLU A 78 16.63 17.81 -31.95
N ALA A 79 15.77 18.30 -31.04
CA ALA A 79 14.33 18.31 -31.31
C ALA A 79 13.99 19.29 -32.42
N LYS A 80 14.52 20.51 -32.29
CA LYS A 80 14.20 21.58 -33.25
C LYS A 80 14.59 21.25 -34.70
N GLN A 81 15.80 20.70 -34.91
CA GLN A 81 16.25 20.36 -36.28
C GLN A 81 15.36 19.28 -36.94
N GLU A 82 14.60 18.56 -36.13
CA GLU A 82 13.57 17.64 -36.65
C GLU A 82 12.19 18.28 -36.75
N GLY A 83 12.06 19.56 -36.43
CA GLY A 83 10.75 20.22 -36.50
C GLY A 83 9.83 19.82 -35.36
N ILE A 84 10.40 19.38 -34.24
CA ILE A 84 9.60 18.99 -33.07
C ILE A 84 9.39 20.22 -32.18
N LYS A 85 8.18 20.41 -31.67
CA LYS A 85 7.94 21.57 -30.80
C LYS A 85 8.19 21.22 -29.34
N VAL A 86 8.60 22.21 -28.56
CA VAL A 86 9.00 21.96 -27.21
C VAL A 86 8.30 22.89 -26.21
N LEU A 87 7.57 22.27 -25.26
CA LEU A 87 6.89 22.98 -24.18
C LEU A 87 7.57 22.65 -22.87
N ALA A 88 7.97 23.70 -22.18
CA ALA A 88 8.52 23.57 -20.86
C ALA A 88 7.35 23.59 -19.88
N TYR A 89 7.22 22.51 -19.11
CA TYR A 89 6.08 22.33 -18.21
C TYR A 89 6.49 22.60 -16.76
N ASP A 90 5.82 23.58 -16.15
CA ASP A 90 6.05 24.01 -14.76
C ASP A 90 7.39 24.72 -14.49
N ARG A 91 8.48 24.20 -15.06
CA ARG A 91 9.85 24.72 -14.77
C ARG A 91 10.49 25.14 -16.06
N MET A 92 11.08 26.33 -16.07
CA MET A 92 11.74 26.85 -17.28
C MET A 92 12.94 25.97 -17.64
N ILE A 93 13.14 25.79 -18.94
CA ILE A 93 14.35 25.18 -19.46
C ILE A 93 15.18 26.34 -20.03
N ASN A 94 16.35 26.57 -19.43
CA ASN A 94 17.16 27.74 -19.78
C ASN A 94 18.05 27.56 -21.00
N ASP A 95 18.39 28.66 -21.65
CA ASP A 95 19.42 28.66 -22.68
C ASP A 95 19.13 27.63 -23.75
N ALA A 96 17.85 27.55 -24.11
CA ALA A 96 17.35 26.52 -25.01
C ALA A 96 16.29 27.08 -25.96
N ASP A 97 16.28 26.58 -27.19
CA ASP A 97 15.36 27.08 -28.22
C ASP A 97 13.95 26.45 -28.11
N ILE A 98 13.30 26.65 -26.96
CA ILE A 98 11.98 26.05 -26.69
C ILE A 98 10.88 26.96 -27.26
N ASP A 99 9.68 26.44 -27.45
CA ASP A 99 8.59 27.19 -28.09
C ASP A 99 7.64 27.86 -27.11
N PHE A 100 7.49 27.30 -25.90
CA PHE A 100 6.49 27.82 -24.97
C PHE A 100 6.80 27.33 -23.56
N TYR A 101 6.23 28.03 -22.60
CA TYR A 101 6.38 27.70 -21.20
C TYR A 101 5.08 27.93 -20.48
N ILE A 102 4.71 27.01 -19.62
CA ILE A 102 3.51 27.22 -18.82
C ILE A 102 3.78 26.83 -17.37
N SER A 103 3.29 27.67 -16.45
CA SER A 103 3.52 27.42 -15.04
C SER A 103 2.56 28.27 -14.22
N PHE A 104 2.71 28.23 -12.90
CA PHE A 104 2.13 29.28 -12.07
C PHE A 104 3.04 30.45 -11.98
N ASP A 105 2.52 31.54 -11.39
CA ASP A 105 3.31 32.72 -11.08
C ASP A 105 4.20 32.42 -9.87
N ASN A 106 5.38 31.89 -10.15
CA ASN A 106 6.28 31.36 -9.14
C ASN A 106 6.89 32.43 -8.22
N GLU A 107 7.16 33.64 -8.72
CA GLU A 107 7.59 34.71 -7.81
C GLU A 107 6.50 35.04 -6.81
N LYS A 108 5.25 35.07 -7.27
CA LYS A 108 4.12 35.30 -6.37
C LYS A 108 4.02 34.21 -5.29
N VAL A 109 4.23 32.94 -5.66
CA VAL A 109 4.28 31.87 -4.65
C VAL A 109 5.22 32.25 -3.52
N GLY A 110 6.43 32.71 -3.88
CA GLY A 110 7.42 33.05 -2.86
C GLY A 110 6.94 34.18 -1.97
N GLU A 111 6.38 35.21 -2.60
CA GLU A 111 5.80 36.34 -1.87
C GLU A 111 4.78 35.88 -0.84
N LEU A 112 3.90 34.96 -1.23
CA LEU A 112 2.85 34.47 -0.33
C LEU A 112 3.42 33.72 0.87
N GLN A 113 4.44 32.88 0.62
CA GLN A 113 5.10 32.18 1.70
C GLN A 113 5.69 33.16 2.73
N ALA A 114 6.47 34.14 2.24
CA ALA A 114 7.15 35.10 3.13
C ALA A 114 6.17 35.99 3.89
N LYS A 115 5.17 36.49 3.18
CA LYS A 115 4.15 37.35 3.77
C LYS A 115 3.39 36.67 4.94
N ALA A 116 3.03 35.40 4.76
CA ALA A 116 2.31 34.67 5.79
C ALA A 116 3.16 34.48 7.05
N LEU A 117 4.48 34.43 6.87
CA LEU A 117 5.40 34.34 8.00
C LEU A 117 5.62 35.69 8.70
N VAL A 118 5.83 36.77 7.93
CA VAL A 118 6.04 38.09 8.57
C VAL A 118 4.79 38.56 9.33
N ASP A 119 3.60 38.13 8.89
CA ASP A 119 2.37 38.51 9.55
C ASP A 119 2.35 38.02 10.98
N ILE A 120 2.92 36.84 11.23
CA ILE A 120 2.93 36.29 12.60
C ILE A 120 4.28 36.34 13.34
N VAL A 121 5.36 36.56 12.60
CA VAL A 121 6.70 36.67 13.17
C VAL A 121 7.39 37.85 12.48
N PRO A 122 6.98 39.09 12.83
CA PRO A 122 7.58 40.26 12.22
C PRO A 122 8.99 40.56 12.75
N GLN A 123 9.36 39.97 13.90
CA GLN A 123 10.73 40.10 14.42
C GLN A 123 11.30 38.73 14.79
N GLY A 124 12.53 38.44 14.38
CA GLY A 124 13.18 37.20 14.81
C GLY A 124 14.26 36.64 13.89
N ASN A 125 14.61 35.37 14.15
CA ASN A 125 15.58 34.64 13.34
C ASN A 125 14.92 33.76 12.26
N TYR A 126 15.25 34.03 11.00
CA TYR A 126 14.66 33.33 9.86
C TYR A 126 15.69 32.40 9.23
N PHE A 127 15.27 31.19 8.89
CA PHE A 127 16.12 30.34 8.10
C PHE A 127 15.51 30.19 6.69
N LEU A 128 16.33 30.29 5.64
CA LEU A 128 15.80 30.15 4.26
C LEU A 128 16.03 28.76 3.67
N MET A 129 14.98 27.94 3.58
CA MET A 129 15.11 26.61 3.04
C MET A 129 14.55 26.55 1.61
N GLY A 130 15.45 26.68 0.64
CA GLY A 130 15.06 26.63 -0.77
C GLY A 130 14.84 25.21 -1.26
N GLY A 131 14.41 25.10 -2.53
CA GLY A 131 14.25 23.79 -3.15
C GLY A 131 15.54 23.34 -3.84
N SER A 132 15.38 22.52 -4.88
CA SER A 132 16.50 22.00 -5.63
C SER A 132 17.32 23.10 -6.24
N PRO A 133 18.67 23.01 -6.10
CA PRO A 133 19.52 24.06 -6.66
C PRO A 133 19.51 24.09 -8.17
N VAL A 134 18.97 23.06 -8.82
CA VAL A 134 18.95 23.05 -10.30
C VAL A 134 17.53 23.25 -10.88
N ASP A 135 16.62 23.68 -10.02
CA ASP A 135 15.22 23.99 -10.46
C ASP A 135 15.07 25.51 -10.54
N ASN A 136 14.95 26.02 -11.75
CA ASN A 136 14.76 27.46 -11.92
C ASN A 136 13.68 28.00 -10.94
N ASN A 137 12.61 27.24 -10.70
CA ASN A 137 11.50 27.73 -9.85
C ASN A 137 11.97 28.04 -8.45
N ALA A 138 12.91 27.23 -7.96
CA ALA A 138 13.52 27.44 -6.65
C ALA A 138 14.07 28.87 -6.52
N LYS A 139 14.74 29.35 -7.55
CA LYS A 139 15.22 30.72 -7.59
C LYS A 139 14.08 31.76 -7.63
N LEU A 140 13.01 31.46 -8.37
CA LEU A 140 11.84 32.35 -8.41
C LEU A 140 11.14 32.44 -7.06
N PHE A 141 10.99 31.31 -6.37
CA PHE A 141 10.45 31.33 -5.02
C PHE A 141 11.31 32.20 -4.11
N ARG A 142 12.64 31.94 -4.11
CA ARG A 142 13.60 32.76 -3.38
C ARG A 142 13.48 34.26 -3.67
N ALA A 143 13.43 34.64 -4.94
CA ALA A 143 13.21 36.03 -5.29
C ALA A 143 11.93 36.56 -4.63
N GLY A 144 10.81 35.85 -4.82
CA GLY A 144 9.54 36.30 -4.24
C GLY A 144 9.66 36.46 -2.74
N GLN A 145 10.23 35.45 -2.07
CA GLN A 145 10.40 35.47 -0.61
C GLN A 145 11.18 36.72 -0.14
N MET A 146 12.27 37.03 -0.82
CA MET A 146 13.12 38.16 -0.43
C MET A 146 12.53 39.52 -0.80
N LYS A 147 11.69 39.59 -1.82
CA LYS A 147 10.93 40.82 -2.07
C LYS A 147 10.15 41.22 -0.79
N VAL A 148 9.51 40.26 -0.13
CA VAL A 148 8.82 40.56 1.12
C VAL A 148 9.80 40.72 2.29
N LEU A 149 10.84 39.88 2.36
CA LEU A 149 11.71 39.89 3.54
C LEU A 149 12.70 41.07 3.62
N LYS A 150 13.18 41.58 2.49
CA LYS A 150 14.30 42.52 2.49
C LYS A 150 14.07 43.76 3.39
N PRO A 151 12.90 44.45 3.27
CA PRO A 151 12.70 45.61 4.17
C PRO A 151 12.88 45.24 5.65
N TYR A 152 12.41 44.07 6.06
CA TYR A 152 12.56 43.63 7.46
C TYR A 152 13.99 43.32 7.84
N VAL A 153 14.79 42.88 6.88
CA VAL A 153 16.18 42.49 7.13
C VAL A 153 17.01 43.76 7.27
N ASP A 154 16.74 44.70 6.35
CA ASP A 154 17.34 46.02 6.29
C ASP A 154 17.10 46.83 7.58
N SER A 155 15.91 46.72 8.15
CA SER A 155 15.57 47.53 9.32
C SER A 155 16.04 46.88 10.63
N GLY A 156 16.56 45.64 10.56
CA GLY A 156 17.04 44.92 11.73
C GLY A 156 15.97 44.13 12.49
N LYS A 157 14.71 44.23 12.06
CA LYS A 157 13.66 43.39 12.66
C LYS A 157 13.92 41.88 12.47
N ILE A 158 14.33 41.49 11.27
CA ILE A 158 14.54 40.08 10.94
C ILE A 158 16.01 39.80 10.62
N LYS A 159 16.55 38.72 11.16
CA LYS A 159 17.91 38.30 10.82
C LYS A 159 17.86 36.94 10.09
N VAL A 160 18.49 36.89 8.93
CA VAL A 160 18.60 35.63 8.24
C VAL A 160 19.78 34.82 8.85
N VAL A 161 19.46 33.76 9.57
CA VAL A 161 20.49 32.96 10.25
C VAL A 161 20.98 31.72 9.47
N GLY A 162 20.58 31.61 8.21
CA GLY A 162 20.97 30.46 7.40
C GLY A 162 20.16 30.37 6.11
N ASP A 163 20.82 29.86 5.08
CA ASP A 163 20.19 29.54 3.82
C ASP A 163 20.86 28.29 3.24
N GLN A 164 20.02 27.31 2.88
CA GLN A 164 20.44 26.09 2.21
C GLN A 164 19.40 25.71 1.16
N TRP A 165 19.87 25.20 0.02
CA TRP A 165 19.01 24.59 -1.00
C TRP A 165 18.77 23.11 -0.64
N VAL A 166 17.60 22.56 -0.96
CA VAL A 166 17.36 21.15 -0.63
C VAL A 166 17.49 20.32 -1.91
N ASP A 167 18.55 19.52 -1.98
CA ASP A 167 18.78 18.65 -3.15
C ASP A 167 17.58 17.74 -3.40
N GLY A 168 17.16 17.68 -4.66
CA GLY A 168 16.06 16.83 -5.08
C GLY A 168 14.69 17.17 -4.50
N TRP A 169 14.56 18.30 -3.78
CA TRP A 169 13.35 18.62 -3.02
C TRP A 169 13.00 17.50 -2.06
N LEU A 170 14.02 16.82 -1.51
CA LEU A 170 13.79 15.59 -0.73
C LEU A 170 13.50 15.80 0.75
N PRO A 171 12.41 15.22 1.27
CA PRO A 171 12.13 15.39 2.70
C PRO A 171 13.32 15.01 3.59
N GLU A 172 13.98 13.88 3.31
CA GLU A 172 15.17 13.45 4.10
C GLU A 172 16.24 14.53 4.14
N ASN A 173 16.50 15.14 2.98
CA ASN A 173 17.51 16.18 2.88
C ASN A 173 17.08 17.43 3.65
N ALA A 174 15.78 17.72 3.62
CA ALA A 174 15.23 18.84 4.36
C ALA A 174 15.30 18.60 5.88
N LEU A 175 15.11 17.34 6.32
CA LEU A 175 15.19 17.03 7.77
C LEU A 175 16.60 17.28 8.30
N LYS A 176 17.60 16.76 7.58
CA LYS A 176 19.01 16.88 7.95
C LYS A 176 19.45 18.34 7.98
N ILE A 177 19.09 19.08 6.94
CA ILE A 177 19.39 20.50 6.90
C ILE A 177 18.80 21.23 8.10
N MET A 178 17.55 20.96 8.45
CA MET A 178 16.92 21.64 9.58
C MET A 178 17.56 21.25 10.90
N GLU A 179 17.96 19.98 11.00
CA GLU A 179 18.62 19.42 12.17
C GLU A 179 19.92 20.18 12.44
N ASN A 180 20.72 20.36 11.39
CA ASN A 180 21.99 21.04 11.50
C ASN A 180 21.79 22.49 11.82
N ALA A 181 20.84 23.14 11.13
CA ALA A 181 20.54 24.56 11.35
C ALA A 181 20.14 24.81 12.79
N LEU A 182 19.33 23.91 13.35
CA LEU A 182 18.91 24.01 14.74
C LEU A 182 20.12 23.90 15.68
N THR A 183 20.98 22.92 15.43
CA THR A 183 22.21 22.76 16.21
C THR A 183 23.09 24.03 16.14
N ALA A 184 23.37 24.49 14.92
CA ALA A 184 24.20 25.67 14.69
C ALA A 184 23.68 26.95 15.37
N ASN A 185 22.36 27.05 15.58
CA ASN A 185 21.79 28.28 16.14
C ASN A 185 21.24 28.16 17.57
N ASN A 186 21.58 27.06 18.23
CA ASN A 186 21.07 26.73 19.56
C ASN A 186 19.56 26.79 19.64
N ASN A 187 18.91 26.29 18.58
CA ASN A 187 17.46 26.21 18.52
C ASN A 187 16.83 27.58 18.49
N LYS A 188 17.64 28.57 18.15
CA LYS A 188 17.17 29.96 18.09
C LYS A 188 16.75 30.35 16.68
N ILE A 189 15.66 29.73 16.23
CA ILE A 189 15.08 30.00 14.93
C ILE A 189 13.59 30.21 15.17
N ASP A 190 13.07 31.32 14.68
CA ASP A 190 11.67 31.67 14.90
C ASP A 190 10.76 31.35 13.72
N ALA A 191 11.33 31.37 12.52
CA ALA A 191 10.56 31.04 11.32
C ALA A 191 11.43 30.31 10.29
N VAL A 192 10.79 29.37 9.60
CA VAL A 192 11.43 28.63 8.52
C VAL A 192 10.71 28.89 7.18
N VAL A 193 11.45 29.46 6.24
CA VAL A 193 10.93 29.77 4.89
C VAL A 193 11.19 28.56 3.98
N ALA A 194 10.50 27.46 4.26
CA ALA A 194 10.49 26.25 3.45
C ALA A 194 9.74 26.52 2.16
N SER A 195 10.27 25.96 1.06
CA SER A 195 9.77 26.31 -0.25
C SER A 195 8.67 25.40 -0.81
N ASN A 196 8.47 24.21 -0.22
CA ASN A 196 7.29 23.37 -0.56
C ASN A 196 6.86 22.49 0.59
N ASP A 197 5.73 21.77 0.45
CA ASP A 197 5.18 20.97 1.58
C ASP A 197 6.10 19.80 1.94
N ALA A 198 6.65 19.14 0.92
CA ALA A 198 7.46 17.96 1.17
C ALA A 198 8.66 18.35 2.03
N THR A 199 9.33 19.45 1.68
CA THR A 199 10.49 19.87 2.48
C THR A 199 10.06 20.37 3.85
N ALA A 200 8.93 21.08 3.92
CA ALA A 200 8.38 21.51 5.21
C ALA A 200 8.18 20.32 6.14
N GLY A 201 7.77 19.19 5.58
CA GLY A 201 7.55 17.98 6.35
C GLY A 201 8.81 17.47 7.03
N GLY A 202 9.92 17.49 6.31
CA GLY A 202 11.21 17.06 6.87
C GLY A 202 11.59 18.02 8.00
N ALA A 203 11.57 19.31 7.69
CA ALA A 203 11.86 20.35 8.66
C ALA A 203 11.03 20.17 9.94
N ILE A 204 9.74 19.92 9.79
CA ILE A 204 8.83 19.76 10.93
C ILE A 204 9.26 18.63 11.85
N GLN A 205 9.78 17.54 11.28
CA GLN A 205 10.31 16.44 12.11
C GLN A 205 11.55 16.85 12.91
N ALA A 206 12.45 17.61 12.31
CA ALA A 206 13.61 18.10 13.04
C ALA A 206 13.18 19.11 14.12
N LEU A 207 12.22 19.98 13.80
CA LEU A 207 11.66 20.90 14.80
C LEU A 207 10.98 20.19 15.97
N SER A 208 10.26 19.11 15.67
CA SER A 208 9.63 18.32 16.71
C SER A 208 10.66 17.74 17.69
N ALA A 209 11.81 17.30 17.17
CA ALA A 209 12.84 16.67 18.01
C ALA A 209 13.39 17.62 19.07
N GLN A 210 13.14 18.91 18.89
CA GLN A 210 13.65 19.93 19.80
C GLN A 210 12.51 20.61 20.53
N GLY A 211 11.31 20.07 20.42
CA GLY A 211 10.13 20.63 21.12
C GLY A 211 9.65 21.97 20.55
N LEU A 212 9.91 22.18 19.27
CA LEU A 212 9.64 23.44 18.60
C LEU A 212 8.50 23.41 17.56
N SER A 213 7.93 22.24 17.28
CA SER A 213 6.90 22.16 16.26
C SER A 213 5.60 22.70 16.84
N GLY A 214 4.94 23.56 16.09
CA GLY A 214 3.78 24.29 16.58
C GLY A 214 4.19 25.64 17.14
N LYS A 215 5.49 25.85 17.27
CA LYS A 215 6.02 27.07 17.86
C LYS A 215 6.81 27.87 16.84
N VAL A 216 7.42 27.18 15.88
CA VAL A 216 8.12 27.84 14.78
C VAL A 216 7.18 27.93 13.55
N ALA A 217 7.05 29.14 13.01
CA ALA A 217 6.31 29.38 11.79
C ALA A 217 7.04 28.79 10.58
N ILE A 218 6.31 28.09 9.71
CA ILE A 218 6.92 27.44 8.53
C ILE A 218 5.97 27.42 7.33
N SER A 219 6.47 27.88 6.20
CA SER A 219 5.71 27.98 4.96
C SER A 219 5.76 26.70 4.14
N GLY A 220 5.04 26.68 3.02
CA GLY A 220 5.03 25.51 2.12
C GLY A 220 4.44 25.77 0.74
N GLN A 221 4.17 24.69 -0.01
CA GLN A 221 3.67 24.80 -1.38
C GLN A 221 3.20 23.43 -1.83
N ASP A 222 2.07 23.44 -2.54
CA ASP A 222 1.48 22.27 -3.27
C ASP A 222 0.16 21.78 -2.65
N ALA A 223 -0.06 22.09 -1.38
CA ALA A 223 -1.20 21.56 -0.64
C ALA A 223 -1.29 20.03 -0.75
N ASP A 224 -0.17 19.37 -0.49
CA ASP A 224 -0.17 17.90 -0.35
C ASP A 224 -1.17 17.53 0.74
N LEU A 225 -1.72 16.33 0.65
CA LEU A 225 -2.64 15.88 1.67
C LEU A 225 -2.03 16.04 3.06
N ALA A 226 -0.79 15.56 3.22
CA ALA A 226 -0.14 15.65 4.54
C ALA A 226 0.10 17.10 5.02
N GLY A 227 0.37 18.01 4.08
CA GLY A 227 0.55 19.41 4.41
C GLY A 227 -0.71 20.04 4.99
N ILE A 228 -1.86 19.76 4.36
CA ILE A 228 -3.17 20.22 4.82
C ILE A 228 -3.42 19.75 6.25
N LYS A 229 -3.10 18.48 6.53
CA LYS A 229 -3.24 17.91 7.86
C LYS A 229 -2.32 18.57 8.90
N ARG A 230 -1.08 18.86 8.50
CA ARG A 230 -0.17 19.60 9.34
C ARG A 230 -0.72 21.00 9.64
N ILE A 231 -1.37 21.64 8.67
CA ILE A 231 -1.84 23.01 8.84
C ILE A 231 -2.98 23.03 9.84
N ALA A 232 -3.93 22.11 9.67
CA ALA A 232 -5.04 21.90 10.60
C ALA A 232 -4.56 21.53 12.00
N ALA A 233 -3.47 20.74 12.09
CA ALA A 233 -2.89 20.36 13.38
C ALA A 233 -2.09 21.48 14.07
N GLY A 234 -1.80 22.56 13.35
CA GLY A 234 -1.03 23.68 13.87
C GLY A 234 0.49 23.62 13.75
N THR A 235 1.02 22.61 13.07
CA THR A 235 2.48 22.49 12.94
C THR A 235 3.05 23.11 11.67
N GLN A 236 2.21 23.33 10.66
CA GLN A 236 2.61 24.07 9.46
C GLN A 236 1.71 25.31 9.36
N THR A 237 2.32 26.44 9.02
CA THR A 237 1.62 27.71 8.98
C THR A 237 0.66 27.82 7.81
N MET A 238 1.15 27.47 6.62
CA MET A 238 0.37 27.66 5.42
C MET A 238 0.93 26.76 4.31
N THR A 239 0.23 26.73 3.18
CA THR A 239 0.76 26.18 1.95
C THR A 239 0.26 27.08 0.83
N VAL A 240 0.73 26.82 -0.39
CA VAL A 240 0.29 27.58 -1.54
C VAL A 240 -0.32 26.55 -2.48
N TYR A 241 -1.62 26.69 -2.68
CA TYR A 241 -2.42 25.76 -3.44
C TYR A 241 -2.39 26.22 -4.89
N LYS A 242 -2.07 25.28 -5.77
CA LYS A 242 -1.98 25.57 -7.19
C LYS A 242 -2.87 24.52 -7.88
N PRO A 243 -3.98 24.95 -8.53
CA PRO A 243 -4.92 23.97 -9.09
C PRO A 243 -4.32 23.20 -10.26
N ILE A 244 -3.82 22.00 -9.98
CA ILE A 244 -3.14 21.20 -10.98
C ILE A 244 -4.06 20.98 -12.19
N THR A 245 -5.35 20.76 -11.96
CA THR A 245 -6.28 20.53 -13.08
C THR A 245 -6.15 21.61 -14.16
N LEU A 246 -6.09 22.86 -13.74
CA LEU A 246 -5.98 23.99 -14.67
C LEU A 246 -4.65 23.98 -15.46
N LEU A 247 -3.55 23.72 -14.77
CA LEU A 247 -2.23 23.68 -15.42
C LEU A 247 -2.19 22.60 -16.46
N ALA A 248 -2.55 21.39 -16.05
CA ALA A 248 -2.44 20.20 -16.91
C ALA A 248 -3.39 20.21 -18.12
N ASN A 249 -4.67 20.56 -17.92
CA ASN A 249 -5.60 20.73 -19.06
C ASN A 249 -5.10 21.80 -20.04
N THR A 250 -4.70 22.97 -19.53
CA THR A 250 -4.21 24.01 -20.43
C THR A 250 -2.91 23.57 -21.16
N ALA A 251 -2.03 22.88 -20.47
CA ALA A 251 -0.79 22.38 -21.08
C ALA A 251 -1.06 21.39 -22.20
N ALA A 252 -2.00 20.48 -21.96
CA ALA A 252 -2.42 19.54 -22.98
C ALA A 252 -2.99 20.23 -24.23
N GLU A 253 -3.78 21.29 -24.05
CA GLU A 253 -4.34 22.06 -25.18
C GLU A 253 -3.20 22.70 -25.98
N ILE A 254 -2.31 23.36 -25.25
CA ILE A 254 -1.15 24.02 -25.85
C ILE A 254 -0.30 23.01 -26.62
N ALA A 255 -0.05 21.85 -26.03
CA ALA A 255 0.76 20.83 -26.70
C ALA A 255 0.14 20.40 -28.02
N VAL A 256 -1.18 20.21 -28.03
CA VAL A 256 -1.87 19.76 -29.24
C VAL A 256 -1.84 20.88 -30.28
N GLU A 257 -2.01 22.13 -29.84
CA GLU A 257 -1.93 23.29 -30.74
C GLU A 257 -0.54 23.35 -31.38
N LEU A 258 0.50 23.22 -30.55
CA LEU A 258 1.87 23.15 -31.05
C LEU A 258 2.05 22.02 -32.06
N GLY A 259 1.46 20.86 -31.79
CA GLY A 259 1.56 19.74 -32.70
C GLY A 259 0.93 19.98 -34.07
N ASN A 260 -0.06 20.86 -34.13
CA ASN A 260 -0.70 21.22 -35.37
C ASN A 260 -0.12 22.47 -36.04
N GLY A 261 1.07 22.93 -35.61
CA GLY A 261 1.68 24.15 -36.18
C GLY A 261 0.99 25.45 -35.81
N GLN A 262 0.10 25.42 -34.82
CA GLN A 262 -0.57 26.63 -34.35
C GLN A 262 0.26 27.32 -33.29
N GLU A 263 0.04 28.62 -33.15
CA GLU A 263 0.79 29.42 -32.19
C GLU A 263 -0.12 29.69 -30.99
N PRO A 264 0.25 29.19 -29.81
CA PRO A 264 -0.67 29.37 -28.70
C PRO A 264 -0.59 30.77 -28.15
N LYS A 265 -1.68 31.25 -27.57
CA LYS A 265 -1.67 32.59 -26.98
C LYS A 265 -0.89 32.64 -25.67
N ALA A 266 -0.20 33.75 -25.49
CA ALA A 266 0.66 33.95 -24.33
C ALA A 266 0.23 35.17 -23.51
N ASP A 267 0.38 35.12 -22.19
CA ASP A 267 0.20 36.28 -21.32
C ASP A 267 1.39 37.26 -21.42
N THR A 268 2.58 36.71 -21.64
CA THR A 268 3.82 37.47 -21.52
C THR A 268 4.96 36.64 -22.14
N THR A 269 6.16 37.21 -22.21
CA THR A 269 7.33 36.41 -22.55
C THR A 269 8.32 36.43 -21.37
N LEU A 270 9.13 35.38 -21.25
CA LEU A 270 10.14 35.31 -20.23
C LEU A 270 11.47 34.91 -20.88
N ASN A 271 12.50 35.69 -20.61
CA ASN A 271 13.78 35.45 -21.27
C ASN A 271 14.51 34.33 -20.56
N ASN A 272 14.93 33.30 -21.28
CA ASN A 272 15.62 32.18 -20.63
C ASN A 272 17.13 32.17 -20.87
N GLY A 273 17.65 33.27 -21.38
CA GLY A 273 19.09 33.37 -21.64
C GLY A 273 19.38 33.30 -23.13
N LEU A 274 18.46 32.71 -23.88
CA LEU A 274 18.62 32.58 -25.32
C LEU A 274 17.56 33.38 -26.06
N LYS A 275 16.32 33.35 -25.55
CA LYS A 275 15.19 33.98 -26.23
C LYS A 275 14.08 34.41 -25.26
N ASP A 276 13.16 35.21 -25.76
CA ASP A 276 11.97 35.56 -24.98
C ASP A 276 10.90 34.50 -25.26
N VAL A 277 10.72 33.62 -24.28
CA VAL A 277 9.84 32.46 -24.43
C VAL A 277 8.38 32.86 -24.18
N PRO A 278 7.51 32.70 -25.16
CA PRO A 278 6.07 32.91 -24.93
C PRO A 278 5.59 32.05 -23.78
N SER A 279 4.81 32.62 -22.89
CA SER A 279 4.56 31.93 -21.66
C SER A 279 3.19 32.28 -21.03
N ARG A 280 2.65 31.37 -20.23
CA ARG A 280 1.39 31.58 -19.55
C ARG A 280 1.55 31.23 -18.08
N LEU A 281 1.05 32.11 -17.22
CA LEU A 281 1.26 31.98 -15.78
C LEU A 281 -0.05 31.96 -15.03
N LEU A 282 -0.27 30.91 -14.24
CA LEU A 282 -1.53 30.74 -13.55
C LEU A 282 -1.43 31.27 -12.12
N THR A 283 -2.59 31.48 -11.50
CA THR A 283 -2.64 32.19 -10.22
C THR A 283 -2.55 31.18 -9.08
N PRO A 284 -1.56 31.35 -8.18
CA PRO A 284 -1.52 30.48 -7.01
C PRO A 284 -2.38 31.04 -5.88
N ILE A 285 -2.74 30.19 -4.92
CA ILE A 285 -3.75 30.53 -3.90
C ILE A 285 -3.14 30.32 -2.54
N ASP A 286 -3.22 31.34 -1.69
CA ASP A 286 -2.76 31.29 -0.29
C ASP A 286 -3.72 30.45 0.54
N VAL A 287 -3.21 29.44 1.25
CA VAL A 287 -4.07 28.55 2.02
C VAL A 287 -3.54 28.36 3.45
N ASN A 288 -4.44 28.50 4.42
CA ASN A 288 -4.10 28.34 5.83
C ASN A 288 -5.27 27.67 6.57
N LYS A 289 -5.10 27.60 7.90
CA LYS A 289 -6.08 27.15 8.90
C LYS A 289 -7.56 27.52 8.59
N ASN A 290 -7.77 28.72 8.08
CA ASN A 290 -9.11 29.28 7.94
C ASN A 290 -9.74 29.22 6.55
N ASN A 291 -9.00 28.74 5.53
CA ASN A 291 -9.64 28.60 4.20
C ASN A 291 -9.47 27.25 3.50
N ILE A 292 -9.13 26.22 4.27
CA ILE A 292 -9.02 24.85 3.73
C ILE A 292 -10.33 24.42 3.05
N LYS A 293 -11.44 24.64 3.75
CA LYS A 293 -12.76 24.23 3.27
C LYS A 293 -13.05 24.88 1.92
N ASP A 294 -12.74 26.16 1.81
CA ASP A 294 -13.14 26.99 0.68
C ASP A 294 -12.23 26.88 -0.55
N THR A 295 -11.09 26.20 -0.39
CA THR A 295 -10.12 26.05 -1.46
C THR A 295 -10.02 24.59 -1.91
N VAL A 296 -9.15 23.81 -1.26
CA VAL A 296 -8.86 22.43 -1.62
C VAL A 296 -10.06 21.48 -1.46
N ILE A 297 -10.84 21.65 -0.38
CA ILE A 297 -12.02 20.79 -0.20
C ILE A 297 -13.09 21.14 -1.24
N LYS A 298 -13.46 22.43 -1.31
CA LYS A 298 -14.46 22.88 -2.30
C LYS A 298 -14.12 22.49 -3.74
N ASP A 299 -12.85 22.67 -4.13
CA ASP A 299 -12.42 22.30 -5.49
C ASP A 299 -12.35 20.78 -5.74
N GLY A 300 -12.32 20.01 -4.64
CA GLY A 300 -12.14 18.56 -4.76
C GLY A 300 -10.68 18.16 -4.95
N PHE A 301 -9.75 19.07 -4.65
CA PHE A 301 -8.33 18.75 -4.65
C PHE A 301 -8.02 17.70 -3.56
N HIS A 302 -8.55 17.96 -2.38
CA HIS A 302 -8.64 16.95 -1.33
C HIS A 302 -10.05 16.95 -0.77
N LYS A 303 -10.83 15.95 -1.14
CA LYS A 303 -12.17 15.79 -0.57
C LYS A 303 -12.08 15.38 0.91
N GLU A 304 -13.11 15.73 1.67
CA GLU A 304 -13.23 15.34 3.06
C GLU A 304 -13.18 13.82 3.27
N SER A 305 -13.70 13.05 2.32
CA SER A 305 -13.56 11.59 2.32
C SER A 305 -12.08 11.14 2.18
N GLU A 306 -11.30 11.88 1.39
CA GLU A 306 -9.85 11.62 1.31
C GLU A 306 -9.13 12.04 2.61
N LEU A 307 -9.54 13.17 3.18
CA LEU A 307 -8.92 13.68 4.40
C LEU A 307 -9.23 12.79 5.58
N HIS A 308 -10.35 12.09 5.52
CA HIS A 308 -10.78 11.27 6.65
C HIS A 308 -10.52 9.76 6.48
N HIS A 309 -10.12 9.36 5.26
CA HIS A 309 -9.78 7.97 4.92
C HIS A 309 -8.67 7.44 5.87
N HIS A 310 -8.93 6.27 6.48
CA HIS A 310 -7.95 5.59 7.36
C HIS A 310 -6.98 4.85 6.45
N HIS A 311 -5.68 5.09 6.60
CA HIS A 311 -4.68 4.44 5.73
C HIS A 311 -4.17 3.10 6.28
N HIS A 312 -4.19 2.96 7.60
CA HIS A 312 -3.50 1.83 8.25
C HIS A 312 -4.39 1.01 9.17
N HIS A 313 -5.70 1.19 9.01
CA HIS A 313 -6.71 0.44 9.73
C HIS A 313 -8.07 0.77 9.12
N GLU B 2 22.86 -13.69 -28.23
CA GLU B 2 22.14 -14.66 -27.31
C GLU B 2 21.97 -14.12 -25.90
N VAL B 3 20.76 -13.62 -25.62
CA VAL B 3 20.40 -13.15 -24.31
C VAL B 3 19.96 -14.35 -23.44
N LYS B 4 20.53 -14.47 -22.25
CA LYS B 4 20.06 -15.44 -21.28
C LYS B 4 19.01 -14.80 -20.36
N ILE B 5 17.84 -15.43 -20.29
CA ILE B 5 16.72 -14.88 -19.53
C ILE B 5 16.33 -15.87 -18.46
N GLY B 6 16.21 -15.41 -17.21
CA GLY B 6 15.66 -16.27 -16.17
C GLY B 6 14.22 -15.82 -15.89
N MET B 7 13.27 -16.74 -16.06
CA MET B 7 11.86 -16.44 -15.79
C MET B 7 11.43 -17.12 -14.50
N ALA B 8 11.22 -16.32 -13.46
CA ALA B 8 10.87 -16.81 -12.15
C ALA B 8 9.40 -16.56 -11.91
N ILE B 9 8.57 -17.58 -12.07
CA ILE B 9 7.13 -17.38 -12.00
C ILE B 9 6.55 -17.75 -10.64
N ASP B 10 5.26 -17.45 -10.46
CA ASP B 10 4.58 -17.73 -9.21
C ASP B 10 4.11 -19.19 -9.12
N ASP B 11 3.08 -19.54 -9.90
CA ASP B 11 2.55 -20.92 -9.98
C ASP B 11 2.03 -21.20 -11.37
N LEU B 12 1.57 -22.43 -11.59
CA LEU B 12 0.96 -22.82 -12.84
C LEU B 12 -0.44 -23.42 -12.63
N ARG B 13 -1.05 -23.10 -11.48
CA ARG B 13 -2.41 -23.55 -11.13
C ARG B 13 -3.44 -22.74 -11.93
N LEU B 14 -3.34 -21.42 -11.90
CA LEU B 14 -4.19 -20.57 -12.74
C LEU B 14 -3.94 -20.86 -14.22
N GLU B 15 -5.03 -20.97 -14.95
CA GLU B 15 -4.98 -21.34 -16.34
C GLU B 15 -4.11 -20.42 -17.26
N ARG B 16 -4.05 -19.11 -16.97
CA ARG B 16 -3.30 -18.20 -17.83
C ARG B 16 -1.80 -18.49 -17.85
N TRP B 17 -1.24 -18.91 -16.73
CA TRP B 17 0.21 -18.86 -16.51
C TRP B 17 1.03 -19.73 -17.46
N GLN B 18 0.57 -20.93 -17.76
CA GLN B 18 1.32 -21.79 -18.68
C GLN B 18 1.38 -21.17 -20.07
N LYS B 19 0.29 -20.49 -20.43
CA LYS B 19 0.26 -19.76 -21.68
C LYS B 19 1.23 -18.59 -21.64
N ASP B 20 1.20 -17.80 -20.55
CA ASP B 20 2.18 -16.71 -20.37
C ASP B 20 3.59 -17.29 -20.56
N ARG B 21 3.91 -18.37 -19.83
CA ARG B 21 5.23 -18.98 -19.92
C ARG B 21 5.54 -19.42 -21.36
N ASP B 22 4.69 -20.29 -21.91
CA ASP B 22 4.98 -20.93 -23.21
C ASP B 22 5.13 -19.92 -24.33
N ILE B 23 4.21 -18.97 -24.40
CA ILE B 23 4.27 -17.94 -25.43
C ILE B 23 5.53 -17.07 -25.27
N PHE B 24 5.84 -16.69 -24.03
CA PHE B 24 7.04 -15.90 -23.77
C PHE B 24 8.29 -16.66 -24.21
N VAL B 25 8.42 -17.92 -23.79
CA VAL B 25 9.58 -18.73 -24.17
C VAL B 25 9.70 -18.82 -25.71
N LYS B 26 8.59 -19.13 -26.38
CA LYS B 26 8.61 -19.30 -27.82
C LYS B 26 9.10 -18.04 -28.53
N LYS B 27 8.48 -16.90 -28.21
CA LYS B 27 8.95 -15.64 -28.78
C LYS B 27 10.42 -15.32 -28.44
N ALA B 28 10.80 -15.47 -27.18
CA ALA B 28 12.14 -15.09 -26.75
C ALA B 28 13.17 -15.89 -27.55
N GLU B 29 12.88 -17.19 -27.68
CA GLU B 29 13.74 -18.12 -28.40
C GLU B 29 13.81 -17.81 -29.90
N SER B 30 12.73 -17.32 -30.48
CA SER B 30 12.78 -16.97 -31.89
C SER B 30 13.64 -15.72 -32.11
N LEU B 31 13.84 -14.95 -31.05
CA LEU B 31 14.72 -13.78 -31.05
C LEU B 31 16.17 -14.10 -30.65
N GLY B 32 16.50 -15.36 -30.47
CA GLY B 32 17.88 -15.73 -30.17
C GLY B 32 18.18 -16.04 -28.72
N ALA B 33 17.18 -15.86 -27.85
CA ALA B 33 17.38 -15.98 -26.42
C ALA B 33 17.31 -17.40 -25.93
N LYS B 34 17.93 -17.66 -24.78
CA LYS B 34 17.72 -18.91 -24.06
C LYS B 34 16.99 -18.58 -22.73
N VAL B 35 15.93 -19.32 -22.41
CA VAL B 35 15.12 -19.02 -21.22
C VAL B 35 15.17 -20.14 -20.22
N PHE B 36 15.43 -19.80 -18.96
CA PHE B 36 15.41 -20.78 -17.89
C PHE B 36 14.21 -20.41 -16.99
N VAL B 37 13.32 -21.37 -16.75
CA VAL B 37 12.09 -21.16 -16.02
C VAL B 37 12.14 -21.92 -14.70
N GLN B 38 11.79 -21.23 -13.60
CA GLN B 38 11.47 -21.88 -12.33
C GLN B 38 10.19 -21.28 -11.73
N SER B 39 9.53 -22.07 -10.88
CA SER B 39 8.24 -21.69 -10.37
C SER B 39 8.21 -21.76 -8.85
N ALA B 40 7.71 -20.70 -8.22
CA ALA B 40 7.81 -20.59 -6.76
C ALA B 40 6.82 -21.48 -6.00
N ASN B 41 5.78 -21.95 -6.70
CA ASN B 41 4.70 -22.71 -6.07
C ASN B 41 4.05 -21.86 -4.94
N GLY B 42 3.98 -20.55 -5.13
CA GLY B 42 3.41 -19.64 -4.10
C GLY B 42 4.21 -19.57 -2.78
N ASN B 43 5.53 -19.77 -2.84
CA ASN B 43 6.37 -19.74 -1.64
C ASN B 43 7.46 -18.67 -1.77
N GLU B 44 7.42 -17.67 -0.89
CA GLU B 44 8.32 -16.52 -0.91
C GLU B 44 9.79 -16.93 -0.89
N GLU B 45 10.15 -17.78 0.08
CA GLU B 45 11.53 -18.25 0.22
C GLU B 45 12.00 -19.05 -0.97
N THR B 46 11.12 -19.83 -1.58
CA THR B 46 11.47 -20.52 -2.82
C THR B 46 11.76 -19.51 -3.94
N GLN B 47 10.90 -18.49 -4.08
CA GLN B 47 11.09 -17.50 -5.14
C GLN B 47 12.42 -16.76 -5.01
N MET B 48 12.79 -16.40 -3.79
CA MET B 48 14.05 -15.73 -3.50
C MET B 48 15.20 -16.63 -3.90
N SER B 49 15.12 -17.89 -3.49
CA SER B 49 16.11 -18.91 -3.82
C SER B 49 16.23 -19.16 -5.33
N GLN B 50 15.10 -19.15 -6.05
CA GLN B 50 15.15 -19.40 -7.51
C GLN B 50 15.75 -18.22 -8.25
N ILE B 51 15.49 -17.00 -7.78
CA ILE B 51 16.06 -15.83 -8.44
C ILE B 51 17.59 -15.79 -8.24
N GLU B 52 18.04 -16.21 -7.05
CA GLU B 52 19.47 -16.37 -6.77
C GLU B 52 20.11 -17.45 -7.68
N ASN B 53 19.39 -18.56 -7.91
CA ASN B 53 19.86 -19.60 -8.86
C ASN B 53 20.12 -18.96 -10.21
N MET B 54 19.15 -18.15 -10.66
CA MET B 54 19.25 -17.47 -11.94
C MET B 54 20.37 -16.45 -12.00
N ILE B 55 20.56 -15.70 -10.92
CA ILE B 55 21.66 -14.74 -10.83
C ILE B 55 22.99 -15.49 -10.96
N ASN B 56 23.13 -16.55 -10.18
CA ASN B 56 24.27 -17.45 -10.25
C ASN B 56 24.48 -18.16 -11.60
N ARG B 57 23.41 -18.44 -12.35
CA ARG B 57 23.57 -18.98 -13.72
C ARG B 57 24.15 -17.93 -14.68
N GLY B 58 24.19 -16.67 -14.25
CA GLY B 58 24.64 -15.55 -15.09
C GLY B 58 23.65 -15.05 -16.12
N VAL B 59 22.35 -15.13 -15.84
CA VAL B 59 21.37 -14.56 -16.80
C VAL B 59 21.62 -13.05 -17.00
N ASP B 60 21.30 -12.53 -18.18
CA ASP B 60 21.34 -11.09 -18.50
C ASP B 60 20.08 -10.34 -18.02
N VAL B 61 18.95 -11.05 -18.00
CA VAL B 61 17.66 -10.47 -17.63
C VAL B 61 16.87 -11.44 -16.76
N LEU B 62 16.24 -10.90 -15.70
CA LEU B 62 15.26 -11.60 -14.90
C LEU B 62 13.87 -11.11 -15.27
N VAL B 63 12.96 -12.05 -15.51
CA VAL B 63 11.56 -11.74 -15.79
C VAL B 63 10.81 -12.44 -14.67
N ILE B 64 10.24 -11.65 -13.75
CA ILE B 64 9.68 -12.17 -12.51
C ILE B 64 8.18 -11.93 -12.38
N ILE B 65 7.44 -12.98 -12.03
CA ILE B 65 6.04 -12.85 -11.62
C ILE B 65 6.06 -13.10 -10.11
N PRO B 66 6.03 -12.02 -9.34
CA PRO B 66 6.14 -12.15 -7.90
C PRO B 66 4.93 -12.83 -7.25
N TYR B 67 5.17 -13.80 -6.37
CA TYR B 67 4.11 -14.29 -5.53
C TYR B 67 3.75 -13.17 -4.53
N ASN B 68 4.75 -12.68 -3.79
CA ASN B 68 4.61 -11.58 -2.86
C ASN B 68 5.58 -10.47 -3.29
N GLY B 69 5.01 -9.37 -3.78
CA GLY B 69 5.80 -8.29 -4.34
C GLY B 69 6.45 -7.37 -3.33
N GLN B 70 6.30 -7.64 -2.04
CA GLN B 70 6.95 -6.81 -1.01
C GLN B 70 8.26 -7.39 -0.42
N VAL B 71 8.62 -8.61 -0.79
CA VAL B 71 9.74 -9.26 -0.11
C VAL B 71 10.85 -9.63 -1.09
N LEU B 72 10.89 -8.94 -2.22
CA LEU B 72 11.86 -9.24 -3.26
C LEU B 72 12.88 -8.12 -3.47
N SER B 73 12.89 -7.14 -2.57
CA SER B 73 13.81 -6.00 -2.70
C SER B 73 15.27 -6.42 -2.57
N ASN B 74 15.56 -7.36 -1.70
CA ASN B 74 16.98 -7.79 -1.50
C ASN B 74 17.51 -8.57 -2.67
N VAL B 75 16.67 -9.43 -3.23
CA VAL B 75 17.09 -10.25 -4.35
C VAL B 75 17.20 -9.42 -5.65
N VAL B 76 16.32 -8.42 -5.80
CA VAL B 76 16.48 -7.46 -6.89
C VAL B 76 17.77 -6.61 -6.70
N LYS B 77 18.04 -6.18 -5.46
CA LYS B 77 19.30 -5.52 -5.19
C LYS B 77 20.55 -6.37 -5.61
N GLU B 78 20.59 -7.65 -5.20
CA GLU B 78 21.62 -8.60 -5.68
C GLU B 78 21.72 -8.62 -7.19
N ALA B 79 20.58 -8.71 -7.87
CA ALA B 79 20.61 -8.76 -9.33
C ALA B 79 21.22 -7.49 -9.89
N LYS B 80 20.86 -6.33 -9.34
CA LYS B 80 21.43 -5.06 -9.82
C LYS B 80 22.96 -4.94 -9.67
N GLN B 81 23.53 -5.44 -8.56
CA GLN B 81 24.98 -5.40 -8.43
C GLN B 81 25.76 -6.30 -9.40
N GLU B 82 25.10 -7.33 -9.92
CA GLU B 82 25.66 -8.16 -11.00
C GLU B 82 25.36 -7.60 -12.40
N GLY B 83 24.81 -6.38 -12.47
CA GLY B 83 24.48 -5.77 -13.76
C GLY B 83 23.35 -6.43 -14.55
N ILE B 84 22.44 -7.11 -13.86
CA ILE B 84 21.32 -7.82 -14.48
C ILE B 84 20.10 -6.90 -14.60
N LYS B 85 19.36 -7.00 -15.69
CA LYS B 85 18.16 -6.18 -15.86
C LYS B 85 16.93 -6.94 -15.32
N VAL B 86 16.00 -6.22 -14.67
CA VAL B 86 14.84 -6.83 -14.05
C VAL B 86 13.54 -6.29 -14.64
N LEU B 87 12.77 -7.19 -15.24
CA LEU B 87 11.44 -6.89 -15.68
C LEU B 87 10.41 -7.57 -14.77
N ALA B 88 9.45 -6.79 -14.25
CA ALA B 88 8.33 -7.36 -13.52
C ALA B 88 7.20 -7.68 -14.52
N TYR B 89 6.75 -8.93 -14.49
CA TYR B 89 5.78 -9.42 -15.47
C TYR B 89 4.41 -9.48 -14.82
N ASP B 90 3.45 -8.74 -15.37
CA ASP B 90 2.03 -8.71 -14.92
C ASP B 90 1.74 -8.05 -13.55
N ARG B 91 2.53 -8.37 -12.53
CA ARG B 91 2.34 -7.84 -11.20
C ARG B 91 3.59 -7.05 -10.83
N MET B 92 3.38 -5.86 -10.27
CA MET B 92 4.45 -5.00 -9.81
C MET B 92 5.27 -5.63 -8.68
N ILE B 93 6.58 -5.41 -8.72
CA ILE B 93 7.41 -5.70 -7.57
C ILE B 93 7.60 -4.36 -6.90
N ASN B 94 6.99 -4.19 -5.73
CA ASN B 94 7.01 -2.96 -4.96
C ASN B 94 8.33 -2.72 -4.27
N ASP B 95 8.72 -1.43 -4.15
CA ASP B 95 9.83 -1.01 -3.29
C ASP B 95 11.13 -1.65 -3.72
N ALA B 96 11.32 -1.84 -5.02
CA ALA B 96 12.49 -2.57 -5.55
C ALA B 96 13.05 -1.89 -6.77
N ASP B 97 14.36 -2.02 -6.96
CA ASP B 97 15.11 -1.27 -7.95
C ASP B 97 15.06 -1.98 -9.33
N ILE B 98 13.85 -2.20 -9.83
CA ILE B 98 13.61 -2.88 -11.11
C ILE B 98 13.69 -1.91 -12.26
N ASP B 99 13.82 -2.46 -13.47
CA ASP B 99 14.01 -1.66 -14.68
C ASP B 99 12.80 -1.50 -15.54
N PHE B 100 11.79 -2.35 -15.39
CA PHE B 100 10.68 -2.32 -16.34
C PHE B 100 9.50 -3.08 -15.81
N TYR B 101 8.31 -2.67 -16.24
CA TYR B 101 7.08 -3.35 -15.86
C TYR B 101 6.09 -3.43 -17.00
N ILE B 102 5.50 -4.59 -17.18
CA ILE B 102 4.47 -4.76 -18.20
C ILE B 102 3.29 -5.53 -17.67
N SER B 103 2.11 -5.00 -17.92
CA SER B 103 0.87 -5.64 -17.49
C SER B 103 -0.31 -5.08 -18.30
N PHE B 104 -1.51 -5.35 -17.83
CA PHE B 104 -2.72 -4.73 -18.35
C PHE B 104 -3.08 -3.55 -17.46
N ASP B 105 -4.03 -2.72 -17.87
CA ASP B 105 -4.50 -1.60 -17.06
C ASP B 105 -5.36 -2.22 -15.96
N ASN B 106 -4.76 -2.45 -14.79
CA ASN B 106 -5.37 -3.29 -13.76
C ASN B 106 -6.54 -2.61 -13.00
N GLU B 107 -6.45 -1.29 -12.80
CA GLU B 107 -7.60 -0.54 -12.28
C GLU B 107 -8.79 -0.60 -13.25
N LYS B 108 -8.52 -0.53 -14.54
CA LYS B 108 -9.58 -0.56 -15.52
C LYS B 108 -10.35 -1.88 -15.45
N VAL B 109 -9.61 -2.99 -15.33
CA VAL B 109 -10.17 -4.32 -15.08
C VAL B 109 -11.20 -4.25 -13.92
N GLY B 110 -10.80 -3.67 -12.79
CA GLY B 110 -11.65 -3.51 -11.62
C GLY B 110 -12.91 -2.71 -11.93
N GLU B 111 -12.76 -1.61 -12.66
CA GLU B 111 -13.92 -0.77 -13.10
C GLU B 111 -14.92 -1.57 -13.93
N LEU B 112 -14.41 -2.33 -14.89
CA LEU B 112 -15.23 -3.18 -15.74
C LEU B 112 -16.00 -4.20 -14.92
N GLN B 113 -15.32 -4.76 -13.91
CA GLN B 113 -15.91 -5.76 -13.04
C GLN B 113 -17.13 -5.18 -12.29
N ALA B 114 -16.89 -4.10 -11.55
CA ALA B 114 -17.94 -3.49 -10.72
C ALA B 114 -19.08 -2.96 -11.60
N LYS B 115 -18.71 -2.37 -12.75
CA LYS B 115 -19.69 -1.74 -13.62
C LYS B 115 -20.71 -2.77 -14.15
N ALA B 116 -20.22 -3.94 -14.57
CA ALA B 116 -21.12 -4.93 -15.13
C ALA B 116 -22.15 -5.38 -14.07
N LEU B 117 -21.76 -5.31 -12.81
CA LEU B 117 -22.65 -5.75 -11.75
C LEU B 117 -23.70 -4.68 -11.44
N VAL B 118 -23.28 -3.42 -11.29
CA VAL B 118 -24.22 -2.35 -11.00
C VAL B 118 -25.21 -2.13 -12.15
N ASP B 119 -24.85 -2.46 -13.38
CA ASP B 119 -25.76 -2.33 -14.50
C ASP B 119 -27.03 -3.18 -14.29
N ILE B 120 -26.91 -4.29 -13.55
CA ILE B 120 -28.02 -5.22 -13.40
C ILE B 120 -28.47 -5.38 -11.97
N VAL B 121 -27.63 -4.91 -11.03
CA VAL B 121 -27.99 -4.83 -9.62
C VAL B 121 -27.59 -3.44 -9.07
N PRO B 122 -28.37 -2.38 -9.41
CA PRO B 122 -28.08 -1.02 -8.89
C PRO B 122 -28.30 -0.89 -7.41
N GLN B 123 -29.11 -1.78 -6.83
CA GLN B 123 -29.44 -1.73 -5.41
C GLN B 123 -29.24 -3.10 -4.81
N GLY B 124 -28.64 -3.16 -3.63
CA GLY B 124 -28.67 -4.39 -2.87
C GLY B 124 -27.43 -4.70 -2.04
N ASN B 125 -27.27 -5.98 -1.74
CA ASN B 125 -26.19 -6.48 -0.87
C ASN B 125 -24.98 -7.01 -1.64
N TYR B 126 -23.86 -6.31 -1.56
CA TYR B 126 -22.65 -6.71 -2.33
C TYR B 126 -21.64 -7.44 -1.43
N PHE B 127 -21.11 -8.56 -1.91
CA PHE B 127 -19.91 -9.17 -1.29
C PHE B 127 -18.65 -8.87 -2.12
N LEU B 128 -17.64 -8.29 -1.46
CA LEU B 128 -16.34 -8.00 -2.10
C LEU B 128 -15.35 -9.14 -1.90
N MET B 129 -15.01 -9.81 -3.00
CA MET B 129 -14.07 -10.94 -2.93
C MET B 129 -12.78 -10.57 -3.66
N GLY B 130 -11.82 -10.04 -2.91
CA GLY B 130 -10.54 -9.62 -3.43
C GLY B 130 -9.68 -10.80 -3.79
N GLY B 131 -8.54 -10.52 -4.41
CA GLY B 131 -7.58 -11.58 -4.71
C GLY B 131 -6.55 -11.76 -3.61
N SER B 132 -5.41 -12.36 -3.98
CA SER B 132 -4.29 -12.56 -3.05
C SER B 132 -3.89 -11.24 -2.34
N PRO B 133 -3.82 -11.27 -1.00
CA PRO B 133 -3.43 -10.07 -0.26
C PRO B 133 -1.96 -9.67 -0.39
N VAL B 134 -1.16 -10.46 -1.11
CA VAL B 134 0.23 -10.09 -1.33
C VAL B 134 0.50 -9.82 -2.82
N ASP B 135 -0.57 -9.76 -3.62
CA ASP B 135 -0.54 -9.40 -5.03
C ASP B 135 -0.96 -7.92 -5.21
N ASN B 136 -0.01 -7.06 -5.55
CA ASN B 136 -0.33 -5.66 -5.83
C ASN B 136 -1.53 -5.50 -6.77
N ASN B 137 -1.71 -6.41 -7.73
CA ASN B 137 -2.83 -6.32 -8.70
C ASN B 137 -4.17 -6.39 -8.01
N ALA B 138 -4.22 -7.16 -6.93
CA ALA B 138 -5.44 -7.33 -6.17
C ALA B 138 -5.90 -5.99 -5.58
N LYS B 139 -4.95 -5.18 -5.08
CA LYS B 139 -5.28 -3.82 -4.61
C LYS B 139 -5.78 -2.95 -5.77
N LEU B 140 -5.16 -3.09 -6.94
CA LEU B 140 -5.56 -2.29 -8.09
C LEU B 140 -6.97 -2.67 -8.55
N PHE B 141 -7.23 -3.97 -8.71
CA PHE B 141 -8.60 -4.40 -9.08
C PHE B 141 -9.60 -3.82 -8.05
N ARG B 142 -9.29 -3.94 -6.76
CA ARG B 142 -10.19 -3.44 -5.70
C ARG B 142 -10.45 -1.94 -5.84
N ALA B 143 -9.40 -1.18 -6.14
CA ALA B 143 -9.48 0.26 -6.36
C ALA B 143 -10.38 0.67 -7.53
N GLY B 144 -10.31 -0.08 -8.64
CA GLY B 144 -11.18 0.19 -9.77
C GLY B 144 -12.61 -0.15 -9.42
N GLN B 145 -12.79 -1.29 -8.74
CA GLN B 145 -14.11 -1.68 -8.25
C GLN B 145 -14.74 -0.60 -7.37
N MET B 146 -13.95 -0.05 -6.44
CA MET B 146 -14.48 0.90 -5.50
C MET B 146 -14.75 2.28 -6.13
N LYS B 147 -14.06 2.58 -7.23
CA LYS B 147 -14.32 3.85 -7.92
C LYS B 147 -15.75 3.86 -8.44
N VAL B 148 -16.14 2.71 -9.00
CA VAL B 148 -17.47 2.55 -9.55
C VAL B 148 -18.53 2.46 -8.43
N LEU B 149 -18.19 1.76 -7.35
CA LEU B 149 -19.16 1.45 -6.31
C LEU B 149 -19.36 2.56 -5.29
N LYS B 150 -18.35 3.41 -5.09
CA LYS B 150 -18.41 4.40 -4.01
C LYS B 150 -19.71 5.22 -3.92
N PRO B 151 -20.21 5.78 -5.07
CA PRO B 151 -21.47 6.55 -5.03
C PRO B 151 -22.68 5.72 -4.59
N TYR B 152 -22.71 4.47 -4.99
CA TYR B 152 -23.80 3.59 -4.62
C TYR B 152 -23.74 3.27 -3.14
N VAL B 153 -22.53 3.16 -2.60
CA VAL B 153 -22.28 2.85 -1.19
C VAL B 153 -22.59 4.08 -0.32
N ASP B 154 -22.16 5.25 -0.80
CA ASP B 154 -22.43 6.53 -0.10
C ASP B 154 -23.93 6.85 -0.03
N SER B 155 -24.67 6.52 -1.05
CA SER B 155 -26.08 6.86 -1.05
C SER B 155 -26.94 5.83 -0.32
N GLY B 156 -26.34 4.69 0.04
CA GLY B 156 -27.06 3.63 0.71
C GLY B 156 -27.73 2.64 -0.20
N LYS B 157 -27.58 2.77 -1.52
CA LYS B 157 -28.23 1.82 -2.44
C LYS B 157 -27.55 0.45 -2.41
N ILE B 158 -26.23 0.45 -2.24
CA ILE B 158 -25.47 -0.79 -2.14
C ILE B 158 -24.91 -0.92 -0.73
N LYS B 159 -25.21 -2.05 -0.09
CA LYS B 159 -24.63 -2.37 1.20
C LYS B 159 -23.51 -3.42 1.02
N VAL B 160 -22.33 -3.13 1.55
CA VAL B 160 -21.21 -4.08 1.51
C VAL B 160 -21.40 -5.03 2.67
N VAL B 161 -21.82 -6.26 2.38
CA VAL B 161 -22.14 -7.17 3.50
C VAL B 161 -20.95 -8.06 3.89
N GLY B 162 -19.89 -8.03 3.08
CA GLY B 162 -18.65 -8.67 3.44
C GLY B 162 -17.54 -8.37 2.46
N ASP B 163 -16.31 -8.49 2.94
CA ASP B 163 -15.18 -8.57 2.04
C ASP B 163 -14.00 -9.31 2.61
N GLN B 164 -13.43 -10.14 1.76
CA GLN B 164 -12.38 -11.02 2.13
C GLN B 164 -11.47 -11.08 0.94
N TRP B 165 -10.18 -11.33 1.19
CA TRP B 165 -9.19 -11.52 0.16
C TRP B 165 -8.94 -13.02 0.04
N VAL B 166 -8.90 -13.54 -1.17
CA VAL B 166 -8.75 -14.97 -1.32
C VAL B 166 -7.27 -15.37 -1.35
N ASP B 167 -6.85 -16.00 -0.27
CA ASP B 167 -5.49 -16.45 -0.17
C ASP B 167 -5.11 -17.29 -1.42
N GLY B 168 -4.01 -16.94 -2.08
CA GLY B 168 -3.53 -17.78 -3.16
C GLY B 168 -4.32 -17.73 -4.47
N TRP B 169 -5.29 -16.83 -4.56
CA TRP B 169 -6.23 -16.87 -5.70
C TRP B 169 -6.88 -18.25 -5.92
N LEU B 170 -7.01 -19.05 -4.86
CA LEU B 170 -7.47 -20.44 -4.98
C LEU B 170 -8.97 -20.62 -5.00
N PRO B 171 -9.50 -21.39 -5.96
CA PRO B 171 -10.92 -21.75 -5.99
C PRO B 171 -11.45 -22.26 -4.64
N GLU B 172 -10.73 -23.17 -4.00
CA GLU B 172 -11.20 -23.82 -2.77
C GLU B 172 -11.36 -22.81 -1.62
N ASN B 173 -10.41 -21.88 -1.51
CA ASN B 173 -10.49 -20.78 -0.55
C ASN B 173 -11.70 -19.88 -0.83
N ALA B 174 -11.96 -19.59 -2.09
CA ALA B 174 -13.16 -18.85 -2.50
C ALA B 174 -14.45 -19.59 -2.14
N LEU B 175 -14.50 -20.91 -2.37
CA LEU B 175 -15.62 -21.77 -1.93
C LEU B 175 -15.93 -21.58 -0.45
N LYS B 176 -14.90 -21.73 0.39
CA LYS B 176 -15.04 -21.60 1.83
C LYS B 176 -15.52 -20.21 2.25
N ILE B 177 -14.89 -19.19 1.68
CA ILE B 177 -15.30 -17.82 1.98
C ILE B 177 -16.78 -17.62 1.63
N MET B 178 -17.18 -18.02 0.44
CA MET B 178 -18.55 -17.81 -0.04
C MET B 178 -19.60 -18.65 0.72
N GLU B 179 -19.32 -19.95 0.91
CA GLU B 179 -20.15 -20.80 1.77
C GLU B 179 -20.47 -20.07 3.08
N ASN B 180 -19.43 -19.59 3.75
CA ASN B 180 -19.60 -19.02 5.07
C ASN B 180 -20.30 -17.66 5.01
N ALA B 181 -19.93 -16.85 4.03
CA ALA B 181 -20.57 -15.57 3.79
C ALA B 181 -22.08 -15.71 3.62
N LEU B 182 -22.49 -16.69 2.82
CA LEU B 182 -23.90 -16.91 2.53
C LEU B 182 -24.69 -17.26 3.80
N THR B 183 -24.15 -18.18 4.60
CA THR B 183 -24.70 -18.53 5.91
C THR B 183 -24.80 -17.32 6.84
N ALA B 184 -23.73 -16.55 6.96
CA ALA B 184 -23.74 -15.36 7.80
C ALA B 184 -24.78 -14.30 7.37
N ASN B 185 -25.28 -14.36 6.14
CA ASN B 185 -26.18 -13.29 5.65
C ASN B 185 -27.55 -13.83 5.30
N ASN B 186 -27.78 -15.08 5.68
CA ASN B 186 -29.02 -15.78 5.40
C ASN B 186 -29.36 -15.86 3.93
N ASN B 187 -28.34 -16.07 3.09
CA ASN B 187 -28.47 -16.08 1.61
C ASN B 187 -28.88 -14.74 1.01
N LYS B 188 -28.81 -13.67 1.80
CA LYS B 188 -29.15 -12.31 1.28
C LYS B 188 -27.92 -11.61 0.67
N ILE B 189 -27.46 -12.14 -0.45
CA ILE B 189 -26.35 -11.52 -1.21
C ILE B 189 -26.82 -11.44 -2.65
N ASP B 190 -26.69 -10.25 -3.24
CA ASP B 190 -27.23 -9.99 -4.57
C ASP B 190 -26.15 -9.95 -5.64
N ALA B 191 -24.92 -9.66 -5.23
CA ALA B 191 -23.85 -9.60 -6.20
C ALA B 191 -22.53 -9.93 -5.51
N VAL B 192 -21.65 -10.60 -6.24
CA VAL B 192 -20.35 -10.90 -5.70
C VAL B 192 -19.33 -10.27 -6.60
N VAL B 193 -18.56 -9.35 -6.05
CA VAL B 193 -17.47 -8.73 -6.83
C VAL B 193 -16.21 -9.61 -6.74
N ALA B 194 -16.16 -10.69 -7.51
CA ALA B 194 -15.00 -11.60 -7.47
C ALA B 194 -13.95 -11.07 -8.44
N SER B 195 -12.68 -11.25 -8.12
CA SER B 195 -11.66 -10.54 -8.86
C SER B 195 -11.01 -11.36 -9.96
N ASN B 196 -11.26 -12.68 -10.00
CA ASN B 196 -10.87 -13.51 -11.14
C ASN B 196 -11.79 -14.69 -11.35
N ASP B 197 -11.65 -15.36 -12.49
CA ASP B 197 -12.47 -16.52 -12.82
C ASP B 197 -12.33 -17.70 -11.85
N ALA B 198 -11.10 -17.96 -11.43
CA ALA B 198 -10.83 -19.12 -10.58
C ALA B 198 -11.61 -18.98 -9.26
N THR B 199 -11.52 -17.80 -8.66
CA THR B 199 -12.22 -17.54 -7.43
C THR B 199 -13.76 -17.43 -7.65
N ALA B 200 -14.15 -16.80 -8.76
CA ALA B 200 -15.55 -16.77 -9.14
C ALA B 200 -16.14 -18.18 -9.13
N GLY B 201 -15.42 -19.12 -9.73
CA GLY B 201 -15.90 -20.50 -9.82
C GLY B 201 -16.21 -21.10 -8.45
N GLY B 202 -15.33 -20.86 -7.47
CA GLY B 202 -15.54 -21.30 -6.12
C GLY B 202 -16.77 -20.64 -5.50
N ALA B 203 -16.90 -19.33 -5.72
CA ALA B 203 -18.06 -18.58 -5.25
C ALA B 203 -19.33 -19.15 -5.86
N ILE B 204 -19.26 -19.48 -7.15
CA ILE B 204 -20.43 -19.96 -7.87
C ILE B 204 -20.88 -21.36 -7.40
N GLN B 205 -19.92 -22.21 -7.06
CA GLN B 205 -20.27 -23.49 -6.48
C GLN B 205 -21.04 -23.28 -5.18
N ALA B 206 -20.56 -22.37 -4.33
CA ALA B 206 -21.26 -22.10 -3.07
C ALA B 206 -22.66 -21.57 -3.32
N LEU B 207 -22.82 -20.71 -4.34
CA LEU B 207 -24.13 -20.16 -4.71
C LEU B 207 -25.09 -21.23 -5.17
N SER B 208 -24.56 -22.12 -6.01
CA SER B 208 -25.30 -23.22 -6.59
C SER B 208 -25.84 -24.17 -5.50
N ALA B 209 -25.05 -24.39 -4.45
CA ALA B 209 -25.49 -25.19 -3.30
C ALA B 209 -26.73 -24.57 -2.65
N GLN B 210 -26.87 -23.26 -2.72
CA GLN B 210 -28.03 -22.57 -2.15
C GLN B 210 -29.14 -22.32 -3.19
N GLY B 211 -28.98 -22.80 -4.41
CA GLY B 211 -29.97 -22.55 -5.45
C GLY B 211 -29.97 -21.11 -5.93
N LEU B 212 -28.83 -20.43 -5.82
CA LEU B 212 -28.72 -19.00 -6.13
C LEU B 212 -27.94 -18.70 -7.41
N SER B 213 -27.32 -19.71 -8.00
CA SER B 213 -26.51 -19.49 -9.17
C SER B 213 -27.40 -19.23 -10.36
N GLY B 214 -27.12 -18.13 -11.05
CA GLY B 214 -27.97 -17.66 -12.12
C GLY B 214 -28.81 -16.49 -11.67
N LYS B 215 -28.88 -16.25 -10.36
CA LYS B 215 -29.63 -15.13 -9.81
C LYS B 215 -28.74 -14.09 -9.14
N VAL B 216 -27.54 -14.48 -8.78
CA VAL B 216 -26.63 -13.57 -8.14
C VAL B 216 -25.61 -13.17 -9.17
N ALA B 217 -25.45 -11.87 -9.34
CA ALA B 217 -24.52 -11.35 -10.32
C ALA B 217 -23.10 -11.55 -9.80
N ILE B 218 -22.18 -11.88 -10.69
CA ILE B 218 -20.77 -12.13 -10.25
C ILE B 218 -19.80 -11.86 -11.37
N SER B 219 -18.72 -11.16 -11.03
CA SER B 219 -17.66 -10.79 -11.98
C SER B 219 -16.50 -11.80 -12.02
N GLY B 220 -15.54 -11.58 -12.92
CA GLY B 220 -14.39 -12.47 -13.06
C GLY B 220 -13.29 -11.85 -13.91
N GLN B 221 -12.27 -12.64 -14.21
CA GLN B 221 -11.12 -12.15 -14.98
C GLN B 221 -10.28 -13.34 -15.49
N ASP B 222 -9.79 -13.23 -16.73
CA ASP B 222 -8.82 -14.14 -17.40
C ASP B 222 -9.46 -14.88 -18.56
N ALA B 223 -10.80 -14.94 -18.57
CA ALA B 223 -11.53 -15.73 -19.56
C ALA B 223 -11.02 -17.16 -19.60
N ASP B 224 -10.91 -17.78 -18.43
CA ASP B 224 -10.69 -19.21 -18.37
C ASP B 224 -11.80 -19.93 -19.14
N LEU B 225 -11.48 -21.08 -19.73
CA LEU B 225 -12.49 -21.84 -20.44
C LEU B 225 -13.77 -22.04 -19.57
N ALA B 226 -13.62 -22.47 -18.33
CA ALA B 226 -14.79 -22.66 -17.48
C ALA B 226 -15.57 -21.33 -17.26
N GLY B 227 -14.87 -20.21 -17.19
CA GLY B 227 -15.49 -18.91 -17.00
C GLY B 227 -16.35 -18.57 -18.21
N ILE B 228 -15.77 -18.71 -19.39
CA ILE B 228 -16.49 -18.50 -20.63
C ILE B 228 -17.73 -19.38 -20.68
N LYS B 229 -17.61 -20.64 -20.26
CA LYS B 229 -18.76 -21.57 -20.29
C LYS B 229 -19.83 -21.15 -19.27
N ARG B 230 -19.41 -20.67 -18.11
CA ARG B 230 -20.33 -20.20 -17.10
C ARG B 230 -21.05 -18.97 -17.61
N ILE B 231 -20.34 -18.10 -18.32
CA ILE B 231 -20.96 -16.90 -18.85
C ILE B 231 -22.06 -17.27 -19.87
N ALA B 232 -21.75 -18.20 -20.79
CA ALA B 232 -22.74 -18.64 -21.78
C ALA B 232 -23.95 -19.30 -21.12
N ALA B 233 -23.73 -19.94 -19.96
CA ALA B 233 -24.78 -20.67 -19.24
C ALA B 233 -25.62 -19.78 -18.32
N GLY B 234 -25.15 -18.56 -18.06
CA GLY B 234 -25.92 -17.60 -17.27
C GLY B 234 -25.50 -17.57 -15.81
N THR B 235 -24.52 -18.40 -15.47
CA THR B 235 -24.13 -18.52 -14.07
C THR B 235 -23.02 -17.53 -13.63
N GLN B 236 -22.37 -16.93 -14.61
CA GLN B 236 -21.36 -15.89 -14.31
C GLN B 236 -21.72 -14.71 -15.18
N THR B 237 -21.64 -13.51 -14.60
CA THR B 237 -22.11 -12.33 -15.31
C THR B 237 -21.18 -11.93 -16.45
N MET B 238 -19.88 -11.91 -16.19
CA MET B 238 -18.90 -11.35 -17.13
C MET B 238 -17.50 -11.83 -16.77
N THR B 239 -16.56 -11.65 -17.68
CA THR B 239 -15.14 -11.83 -17.39
C THR B 239 -14.37 -10.73 -18.10
N VAL B 240 -13.18 -10.43 -17.59
CA VAL B 240 -12.30 -9.50 -18.28
C VAL B 240 -11.21 -10.33 -19.00
N TYR B 241 -11.24 -10.27 -20.32
CA TYR B 241 -10.34 -11.00 -21.18
C TYR B 241 -9.06 -10.15 -21.39
N LYS B 242 -7.89 -10.75 -21.13
CA LYS B 242 -6.60 -10.09 -21.30
C LYS B 242 -5.78 -10.91 -22.31
N PRO B 243 -5.60 -10.39 -23.54
CA PRO B 243 -4.95 -11.25 -24.56
C PRO B 243 -3.53 -11.63 -24.18
N ILE B 244 -3.35 -12.86 -23.71
CA ILE B 244 -2.05 -13.31 -23.21
C ILE B 244 -0.99 -13.27 -24.29
N THR B 245 -1.36 -13.63 -25.53
CA THR B 245 -0.41 -13.57 -26.67
C THR B 245 0.25 -12.19 -26.82
N LEU B 246 -0.55 -11.13 -26.76
CA LEU B 246 -0.04 -9.79 -26.90
C LEU B 246 0.88 -9.44 -25.73
N LEU B 247 0.48 -9.83 -24.52
CA LEU B 247 1.31 -9.57 -23.34
C LEU B 247 2.65 -10.32 -23.41
N ALA B 248 2.60 -11.63 -23.65
CA ALA B 248 3.81 -12.47 -23.61
C ALA B 248 4.77 -12.18 -24.78
N ASN B 249 4.24 -12.02 -26.00
CA ASN B 249 5.10 -11.56 -27.09
C ASN B 249 5.82 -10.22 -26.84
N THR B 250 5.09 -9.22 -26.37
CA THR B 250 5.66 -7.90 -26.10
C THR B 250 6.71 -8.02 -24.98
N ALA B 251 6.39 -8.82 -23.96
CA ALA B 251 7.30 -9.00 -22.83
C ALA B 251 8.61 -9.64 -23.25
N ALA B 252 8.52 -10.63 -24.16
CA ALA B 252 9.71 -11.27 -24.69
C ALA B 252 10.57 -10.28 -25.49
N GLU B 253 9.92 -9.45 -26.31
CA GLU B 253 10.63 -8.45 -27.12
C GLU B 253 11.35 -7.46 -26.22
N ILE B 254 10.67 -7.00 -25.18
CA ILE B 254 11.26 -6.10 -24.20
C ILE B 254 12.42 -6.74 -23.45
N ALA B 255 12.27 -8.02 -23.06
CA ALA B 255 13.31 -8.71 -22.30
C ALA B 255 14.61 -8.81 -23.10
N VAL B 256 14.46 -9.13 -24.39
CA VAL B 256 15.61 -9.27 -25.27
C VAL B 256 16.24 -7.89 -25.50
N GLU B 257 15.42 -6.86 -25.68
CA GLU B 257 15.97 -5.49 -25.80
C GLU B 257 16.77 -5.08 -24.54
N LEU B 258 16.21 -5.33 -23.35
CA LEU B 258 16.93 -5.09 -22.10
C LEU B 258 18.28 -5.83 -22.03
N GLY B 259 18.29 -7.05 -22.55
CA GLY B 259 19.47 -7.90 -22.58
C GLY B 259 20.56 -7.41 -23.51
N ASN B 260 20.17 -6.65 -24.54
CA ASN B 260 21.10 -6.03 -25.51
C ASN B 260 21.44 -4.60 -25.15
N GLY B 261 21.02 -4.17 -23.97
CA GLY B 261 21.22 -2.79 -23.54
C GLY B 261 20.45 -1.77 -24.36
N GLN B 262 19.47 -2.21 -25.15
CA GLN B 262 18.56 -1.29 -25.83
C GLN B 262 17.50 -0.78 -24.86
N GLU B 263 16.93 0.37 -25.16
CA GLU B 263 15.84 0.90 -24.31
C GLU B 263 14.50 0.68 -25.02
N PRO B 264 13.62 -0.10 -24.38
CA PRO B 264 12.35 -0.53 -24.98
C PRO B 264 11.39 0.64 -25.12
N LYS B 265 10.39 0.51 -25.98
CA LYS B 265 9.26 1.48 -26.02
C LYS B 265 8.41 1.39 -24.73
N ALA B 266 8.30 2.49 -24.02
CA ALA B 266 7.41 2.52 -22.84
C ALA B 266 6.33 3.58 -23.05
N ASP B 267 5.11 3.28 -22.60
CA ASP B 267 4.05 4.23 -22.76
C ASP B 267 3.83 5.12 -21.53
N THR B 268 4.16 4.61 -20.34
CA THR B 268 3.94 5.37 -19.14
C THR B 268 4.98 5.11 -18.05
N THR B 269 4.77 5.65 -16.87
CA THR B 269 5.73 5.50 -15.78
C THR B 269 4.98 5.41 -14.46
N LEU B 270 5.40 4.49 -13.60
CA LEU B 270 4.66 4.18 -12.37
C LEU B 270 5.59 4.12 -11.14
N ASN B 271 5.20 4.78 -10.06
CA ASN B 271 5.97 4.74 -8.84
C ASN B 271 5.66 3.47 -8.08
N ASN B 272 6.70 2.74 -7.68
CA ASN B 272 6.49 1.48 -6.96
C ASN B 272 6.83 1.59 -5.47
N GLY B 273 7.03 2.83 -5.00
CA GLY B 273 7.35 3.09 -3.60
C GLY B 273 8.82 3.45 -3.44
N LEU B 274 9.66 3.01 -4.40
CA LEU B 274 11.10 3.26 -4.38
C LEU B 274 11.54 4.13 -5.55
N LYS B 275 11.02 3.85 -6.74
CA LYS B 275 11.44 4.60 -7.91
C LYS B 275 10.33 4.62 -8.92
N ASP B 276 10.50 5.37 -9.99
CA ASP B 276 9.50 5.36 -11.07
C ASP B 276 9.95 4.35 -12.16
N VAL B 277 9.06 3.41 -12.47
CA VAL B 277 9.37 2.29 -13.37
C VAL B 277 8.77 2.53 -14.73
N PRO B 278 9.61 2.49 -15.81
CA PRO B 278 9.05 2.58 -17.16
C PRO B 278 8.09 1.42 -17.39
N SER B 279 6.89 1.72 -17.85
CA SER B 279 5.82 0.75 -17.92
C SER B 279 5.11 0.72 -19.27
N ARG B 280 4.55 -0.46 -19.56
CA ARG B 280 3.74 -0.70 -20.73
C ARG B 280 2.44 -1.33 -20.19
N LEU B 281 1.29 -0.73 -20.48
CA LEU B 281 0.01 -1.23 -20.00
C LEU B 281 -0.94 -1.51 -21.13
N LEU B 282 -1.38 -2.75 -21.24
CA LEU B 282 -2.26 -3.17 -22.33
C LEU B 282 -3.75 -3.04 -21.97
N THR B 283 -4.59 -3.06 -23.00
CA THR B 283 -6.01 -2.81 -22.85
C THR B 283 -6.80 -4.08 -22.56
N PRO B 284 -7.51 -4.13 -21.41
CA PRO B 284 -8.33 -5.32 -21.08
C PRO B 284 -9.66 -5.25 -21.82
N ILE B 285 -10.28 -6.41 -22.06
CA ILE B 285 -11.52 -6.50 -22.85
C ILE B 285 -12.73 -7.01 -22.01
N ASP B 286 -13.83 -6.24 -22.01
CA ASP B 286 -15.05 -6.62 -21.30
C ASP B 286 -15.79 -7.74 -22.06
N VAL B 287 -15.87 -8.92 -21.44
CA VAL B 287 -16.55 -10.04 -22.12
C VAL B 287 -17.79 -10.47 -21.36
N ASN B 288 -18.88 -10.68 -22.09
CA ASN B 288 -20.15 -11.10 -21.51
C ASN B 288 -20.85 -12.02 -22.50
N LYS B 289 -22.09 -12.41 -22.20
CA LYS B 289 -22.88 -13.29 -23.05
C LYS B 289 -23.03 -12.73 -24.47
N ASN B 290 -23.18 -11.41 -24.60
CA ASN B 290 -23.32 -10.77 -25.93
C ASN B 290 -22.13 -10.92 -26.90
N ASN B 291 -20.91 -11.09 -26.38
CA ASN B 291 -19.71 -10.90 -27.22
C ASN B 291 -18.62 -11.96 -27.14
N ILE B 292 -18.95 -13.12 -26.61
CA ILE B 292 -18.01 -14.23 -26.53
C ILE B 292 -17.41 -14.54 -27.91
N LYS B 293 -18.28 -14.70 -28.91
CA LYS B 293 -17.88 -15.03 -30.29
C LYS B 293 -16.93 -13.99 -30.93
N ASP B 294 -17.22 -12.70 -30.74
CA ASP B 294 -16.47 -11.59 -31.35
C ASP B 294 -15.16 -11.25 -30.62
N THR B 295 -14.93 -11.88 -29.46
CA THR B 295 -13.73 -11.62 -28.68
C THR B 295 -12.86 -12.86 -28.52
N VAL B 296 -13.16 -13.71 -27.54
CA VAL B 296 -12.29 -14.88 -27.27
C VAL B 296 -12.27 -15.92 -28.40
N ILE B 297 -13.42 -16.15 -29.03
CA ILE B 297 -13.50 -17.11 -30.14
C ILE B 297 -12.80 -16.57 -31.40
N LYS B 298 -13.13 -15.32 -31.78
CA LYS B 298 -12.49 -14.67 -32.94
C LYS B 298 -10.97 -14.65 -32.82
N ASP B 299 -10.46 -14.29 -31.64
CA ASP B 299 -9.01 -14.27 -31.38
C ASP B 299 -8.42 -15.65 -31.36
N GLY B 300 -9.26 -16.67 -31.28
CA GLY B 300 -8.75 -18.04 -31.11
C GLY B 300 -8.22 -18.32 -29.70
N PHE B 301 -8.64 -17.53 -28.71
CA PHE B 301 -8.24 -17.80 -27.32
C PHE B 301 -8.87 -19.13 -26.84
N HIS B 302 -10.12 -19.38 -27.25
CA HIS B 302 -10.75 -20.71 -27.14
C HIS B 302 -11.41 -21.09 -28.48
N LYS B 303 -11.51 -22.39 -28.75
CA LYS B 303 -12.21 -22.91 -29.93
C LYS B 303 -13.70 -23.02 -29.65
N GLU B 304 -14.49 -22.78 -30.70
CA GLU B 304 -15.94 -22.98 -30.65
C GLU B 304 -16.34 -24.39 -30.19
N SER B 305 -15.61 -25.43 -30.63
CA SER B 305 -15.89 -26.81 -30.21
C SER B 305 -15.65 -27.08 -28.71
N GLU B 306 -14.89 -26.22 -28.04
CA GLU B 306 -14.63 -26.36 -26.59
C GLU B 306 -15.82 -25.92 -25.74
N LEU B 307 -16.73 -25.16 -26.35
CA LEU B 307 -17.96 -24.78 -25.69
C LEU B 307 -19.00 -25.84 -25.98
N GLU C 2 -19.46 -35.79 33.57
CA GLU C 2 -20.49 -34.93 32.90
C GLU C 2 -19.83 -33.67 32.33
N VAL C 3 -20.45 -33.09 31.33
CA VAL C 3 -19.85 -31.99 30.54
C VAL C 3 -18.56 -32.41 29.80
N LYS C 4 -18.75 -32.80 28.55
CA LYS C 4 -17.64 -33.05 27.64
C LYS C 4 -17.33 -31.78 26.85
N ILE C 5 -16.05 -31.45 26.75
CA ILE C 5 -15.61 -30.23 26.05
C ILE C 5 -14.72 -30.55 24.86
N GLY C 6 -14.97 -29.90 23.72
CA GLY C 6 -14.06 -29.97 22.58
C GLY C 6 -13.28 -28.68 22.48
N MET C 7 -11.96 -28.78 22.59
CA MET C 7 -11.13 -27.61 22.47
C MET C 7 -10.41 -27.65 21.13
N ALA C 8 -10.84 -26.82 20.21
CA ALA C 8 -10.32 -26.80 18.85
C ALA C 8 -9.36 -25.63 18.69
N ILE C 9 -8.08 -25.89 18.84
CA ILE C 9 -7.12 -24.81 18.87
C ILE C 9 -6.47 -24.57 17.48
N ASP C 10 -5.72 -23.46 17.37
CA ASP C 10 -5.14 -23.01 16.11
C ASP C 10 -3.81 -23.71 15.85
N ASP C 11 -2.80 -23.38 16.64
CA ASP C 11 -1.52 -24.07 16.56
C ASP C 11 -0.82 -24.19 17.93
N LEU C 12 0.41 -24.68 17.94
CA LEU C 12 1.18 -24.81 19.16
C LEU C 12 2.57 -24.26 18.97
N ARG C 13 2.72 -23.46 17.92
CA ARG C 13 3.98 -22.80 17.57
C ARG C 13 4.28 -21.65 18.54
N LEU C 14 3.32 -20.76 18.77
CA LEU C 14 3.47 -19.64 19.72
C LEU C 14 3.55 -20.13 21.18
N GLU C 15 4.51 -19.60 21.94
CA GLU C 15 4.81 -20.10 23.28
C GLU C 15 3.57 -20.20 24.17
N ARG C 16 2.66 -19.23 24.07
CA ARG C 16 1.52 -19.18 24.97
C ARG C 16 0.55 -20.37 24.83
N TRP C 17 0.40 -20.88 23.61
CA TRP C 17 -0.75 -21.74 23.32
C TRP C 17 -0.75 -23.03 24.13
N GLN C 18 0.41 -23.67 24.29
CA GLN C 18 0.46 -24.91 25.07
C GLN C 18 0.04 -24.68 26.53
N LYS C 19 0.38 -23.50 27.06
CA LYS C 19 -0.05 -23.11 28.40
C LYS C 19 -1.56 -22.85 28.41
N ASP C 20 -2.08 -22.15 27.41
CA ASP C 20 -3.53 -21.96 27.36
C ASP C 20 -4.21 -23.32 27.44
N ARG C 21 -3.70 -24.28 26.66
CA ARG C 21 -4.29 -25.59 26.57
C ARG C 21 -4.15 -26.33 27.90
N ASP C 22 -2.93 -26.44 28.39
CA ASP C 22 -2.67 -27.19 29.61
C ASP C 22 -3.43 -26.67 30.85
N ILE C 23 -3.39 -25.37 31.09
CA ILE C 23 -4.09 -24.80 32.22
C ILE C 23 -5.59 -24.95 32.05
N PHE C 24 -6.10 -24.80 30.83
CA PHE C 24 -7.54 -24.97 30.59
C PHE C 24 -7.97 -26.38 30.92
N VAL C 25 -7.23 -27.36 30.42
CA VAL C 25 -7.55 -28.77 30.59
C VAL C 25 -7.52 -29.14 32.10
N LYS C 26 -6.47 -28.72 32.79
CA LYS C 26 -6.30 -29.01 34.22
C LYS C 26 -7.46 -28.47 35.05
N LYS C 27 -7.84 -27.22 34.79
CA LYS C 27 -8.95 -26.61 35.50
C LYS C 27 -10.28 -27.23 35.17
N ALA C 28 -10.50 -27.57 33.91
CA ALA C 28 -11.77 -28.17 33.47
C ALA C 28 -11.94 -29.55 34.08
N GLU C 29 -10.84 -30.29 34.12
CA GLU C 29 -10.87 -31.62 34.70
C GLU C 29 -11.11 -31.56 36.22
N SER C 30 -10.47 -30.63 36.92
CA SER C 30 -10.75 -30.42 38.34
C SER C 30 -12.19 -29.94 38.62
N LEU C 31 -12.92 -29.54 37.56
CA LEU C 31 -14.36 -29.28 37.71
C LEU C 31 -15.22 -30.44 37.21
N GLY C 32 -14.57 -31.57 36.92
CA GLY C 32 -15.25 -32.82 36.52
C GLY C 32 -15.60 -32.96 35.05
N ALA C 33 -15.12 -32.01 34.24
CA ALA C 33 -15.33 -32.09 32.79
C ALA C 33 -14.24 -32.98 32.20
N LYS C 34 -14.50 -33.55 31.03
CA LYS C 34 -13.38 -34.06 30.24
C LYS C 34 -13.23 -33.32 28.91
N VAL C 35 -11.98 -33.05 28.54
CA VAL C 35 -11.64 -32.23 27.38
C VAL C 35 -10.98 -33.08 26.29
N PHE C 36 -11.50 -32.94 25.07
CA PHE C 36 -10.85 -33.42 23.87
C PHE C 36 -10.22 -32.25 23.08
N VAL C 37 -8.91 -32.35 22.82
CA VAL C 37 -8.13 -31.28 22.21
C VAL C 37 -7.64 -31.70 20.82
N GLN C 38 -7.88 -30.87 19.81
CA GLN C 38 -7.26 -31.02 18.49
C GLN C 38 -6.69 -29.70 18.01
N SER C 39 -5.64 -29.77 17.21
CA SER C 39 -4.92 -28.57 16.77
C SER C 39 -4.99 -28.47 15.25
N ALA C 40 -5.33 -27.30 14.74
CA ALA C 40 -5.61 -27.14 13.32
C ALA C 40 -4.36 -26.91 12.46
N ASN C 41 -3.21 -26.68 13.11
CA ASN C 41 -1.96 -26.40 12.41
C ASN C 41 -2.10 -25.28 11.36
N GLY C 42 -2.89 -24.25 11.74
CA GLY C 42 -3.15 -23.11 10.90
C GLY C 42 -3.79 -23.44 9.58
N ASN C 43 -4.62 -24.48 9.54
CA ASN C 43 -5.30 -24.85 8.30
C ASN C 43 -6.81 -24.84 8.54
N GLU C 44 -7.51 -24.05 7.74
CA GLU C 44 -8.96 -23.84 7.85
C GLU C 44 -9.74 -25.11 7.71
N GLU C 45 -9.42 -25.88 6.67
CA GLU C 45 -10.10 -27.11 6.36
C GLU C 45 -9.97 -28.11 7.52
N THR C 46 -8.76 -28.19 8.08
CA THR C 46 -8.51 -29.04 9.25
C THR C 46 -9.37 -28.61 10.43
N GLN C 47 -9.38 -27.31 10.72
CA GLN C 47 -10.15 -26.82 11.82
C GLN C 47 -11.63 -27.13 11.67
N MET C 48 -12.19 -26.97 10.47
CA MET C 48 -13.60 -27.30 10.27
C MET C 48 -13.82 -28.78 10.53
N SER C 49 -12.93 -29.63 10.01
CA SER C 49 -13.06 -31.07 10.16
C SER C 49 -12.96 -31.51 11.63
N GLN C 50 -12.03 -30.91 12.37
CA GLN C 50 -11.84 -31.25 13.78
C GLN C 50 -13.08 -30.82 14.61
N ILE C 51 -13.62 -29.63 14.33
CA ILE C 51 -14.83 -29.17 14.99
C ILE C 51 -15.99 -30.15 14.79
N GLU C 52 -16.15 -30.63 13.55
CA GLU C 52 -17.17 -31.64 13.25
C GLU C 52 -16.85 -32.95 13.97
N ASN C 53 -15.57 -33.30 14.06
CA ASN C 53 -15.14 -34.48 14.85
C ASN C 53 -15.74 -34.38 16.25
N MET C 54 -15.58 -33.20 16.85
CA MET C 54 -16.00 -32.96 18.21
C MET C 54 -17.53 -32.96 18.36
N ILE C 55 -18.23 -32.34 17.40
CA ILE C 55 -19.70 -32.42 17.33
C ILE C 55 -20.18 -33.88 17.31
N ASN C 56 -19.59 -34.71 16.45
CA ASN C 56 -19.99 -36.11 16.33
C ASN C 56 -19.60 -37.03 17.50
N ARG C 57 -18.57 -36.66 18.28
CA ARG C 57 -18.26 -37.30 19.57
C ARG C 57 -19.29 -36.96 20.66
N GLY C 58 -20.05 -35.88 20.47
CA GLY C 58 -21.15 -35.53 21.34
C GLY C 58 -20.75 -34.61 22.49
N VAL C 59 -19.87 -33.65 22.22
CA VAL C 59 -19.46 -32.69 23.23
C VAL C 59 -20.63 -31.77 23.59
N ASP C 60 -20.57 -31.18 24.78
CA ASP C 60 -21.60 -30.29 25.28
C ASP C 60 -21.20 -28.86 24.98
N VAL C 61 -19.89 -28.64 24.89
CA VAL C 61 -19.32 -27.32 24.71
C VAL C 61 -18.12 -27.38 23.77
N LEU C 62 -18.13 -26.50 22.77
CA LEU C 62 -16.96 -26.24 21.95
C LEU C 62 -16.25 -25.00 22.45
N VAL C 63 -14.94 -25.10 22.61
CA VAL C 63 -14.08 -23.98 22.91
C VAL C 63 -13.05 -23.84 21.76
N ILE C 64 -13.19 -22.80 20.94
CA ILE C 64 -12.44 -22.70 19.69
C ILE C 64 -11.48 -21.52 19.69
N ILE C 65 -10.22 -21.78 19.36
CA ILE C 65 -9.29 -20.71 19.02
C ILE C 65 -9.18 -20.73 17.49
N PRO C 66 -9.88 -19.79 16.82
CA PRO C 66 -9.94 -19.81 15.36
C PRO C 66 -8.63 -19.42 14.70
N TYR C 67 -8.23 -20.20 13.70
CA TYR C 67 -7.16 -19.77 12.82
C TYR C 67 -7.65 -18.58 11.98
N ASN C 68 -8.72 -18.83 11.23
CA ASN C 68 -9.37 -17.82 10.40
C ASN C 68 -10.79 -17.69 10.90
N GLY C 69 -11.06 -16.57 11.57
CA GLY C 69 -12.35 -16.36 12.20
C GLY C 69 -13.54 -16.12 11.29
N GLN C 70 -13.35 -16.04 9.97
CA GLN C 70 -14.46 -15.75 9.03
C GLN C 70 -15.03 -16.98 8.32
N VAL C 71 -14.48 -18.15 8.56
CA VAL C 71 -14.87 -19.32 7.78
C VAL C 71 -15.39 -20.46 8.66
N LEU C 72 -15.74 -20.13 9.90
CA LEU C 72 -16.28 -21.08 10.87
C LEU C 72 -17.80 -20.91 11.05
N SER C 73 -18.41 -20.00 10.28
CA SER C 73 -19.87 -19.80 10.40
C SER C 73 -20.67 -21.07 10.23
N ASN C 74 -20.29 -21.90 9.26
CA ASN C 74 -21.03 -23.14 9.02
C ASN C 74 -20.90 -24.16 10.14
N VAL C 75 -19.69 -24.40 10.66
CA VAL C 75 -19.56 -25.39 11.74
C VAL C 75 -20.18 -24.92 13.07
N VAL C 76 -20.16 -23.61 13.32
CA VAL C 76 -20.81 -23.07 14.50
C VAL C 76 -22.31 -23.35 14.40
N LYS C 77 -22.87 -23.16 13.21
CA LYS C 77 -24.28 -23.40 12.97
C LYS C 77 -24.63 -24.86 13.17
N GLU C 78 -23.76 -25.78 12.73
CA GLU C 78 -23.97 -27.21 12.92
C GLU C 78 -23.99 -27.54 14.41
N ALA C 79 -23.05 -26.98 15.15
CA ALA C 79 -22.98 -27.15 16.58
C ALA C 79 -24.30 -26.74 17.24
N LYS C 80 -24.80 -25.57 16.86
CA LYS C 80 -25.95 -24.98 17.50
C LYS C 80 -27.17 -25.82 17.28
N GLN C 81 -27.34 -26.37 16.07
CA GLN C 81 -28.50 -27.21 15.79
C GLN C 81 -28.43 -28.60 16.48
N GLU C 82 -27.26 -28.92 17.05
CA GLU C 82 -27.08 -30.10 17.88
C GLU C 82 -27.25 -29.74 19.37
N GLY C 83 -27.54 -28.47 19.64
CA GLY C 83 -27.70 -27.97 21.01
C GLY C 83 -26.39 -27.86 21.78
N ILE C 84 -25.31 -27.65 21.05
CA ILE C 84 -23.97 -27.46 21.65
C ILE C 84 -23.67 -25.97 21.89
N LYS C 85 -23.04 -25.67 23.01
CA LYS C 85 -22.63 -24.31 23.30
C LYS C 85 -21.25 -24.03 22.71
N VAL C 86 -21.02 -22.79 22.32
CA VAL C 86 -19.80 -22.42 21.64
C VAL C 86 -19.19 -21.18 22.28
N LEU C 87 -17.98 -21.37 22.80
CA LEU C 87 -17.18 -20.30 23.35
C LEU C 87 -16.00 -19.98 22.42
N ALA C 88 -15.88 -18.72 22.02
CA ALA C 88 -14.67 -18.23 21.36
C ALA C 88 -13.62 -17.90 22.41
N TYR C 89 -12.43 -18.44 22.22
CA TYR C 89 -11.35 -18.32 23.18
C TYR C 89 -10.27 -17.46 22.56
N ASP C 90 -9.96 -16.34 23.24
CA ASP C 90 -8.94 -15.34 22.83
C ASP C 90 -9.21 -14.50 21.55
N ARG C 91 -9.71 -15.14 20.50
CA ARG C 91 -9.99 -14.47 19.23
C ARG C 91 -11.45 -14.65 18.90
N MET C 92 -12.09 -13.55 18.51
CA MET C 92 -13.49 -13.60 18.14
C MET C 92 -13.65 -14.48 16.91
N ILE C 93 -14.73 -15.25 16.89
CA ILE C 93 -15.21 -15.88 15.69
C ILE C 93 -16.31 -14.97 15.11
N ASN C 94 -16.00 -14.31 14.00
CA ASN C 94 -16.95 -13.36 13.39
C ASN C 94 -18.07 -14.01 12.62
N ASP C 95 -19.20 -13.32 12.59
CA ASP C 95 -20.35 -13.68 11.80
C ASP C 95 -20.87 -15.08 12.07
N ALA C 96 -20.73 -15.51 13.32
CA ALA C 96 -21.09 -16.85 13.69
C ALA C 96 -21.98 -16.83 14.93
N ASP C 97 -22.85 -17.82 15.06
CA ASP C 97 -23.87 -17.84 16.11
C ASP C 97 -23.31 -18.43 17.41
N ILE C 98 -22.23 -17.82 17.91
CA ILE C 98 -21.59 -18.28 19.14
C ILE C 98 -22.31 -17.72 20.39
N ASP C 99 -21.90 -18.25 21.52
CA ASP C 99 -22.59 -17.99 22.78
C ASP C 99 -21.84 -17.04 23.71
N PHE C 100 -20.52 -17.10 23.72
CA PHE C 100 -19.73 -16.33 24.67
C PHE C 100 -18.34 -16.16 24.08
N TYR C 101 -17.65 -15.11 24.52
CA TYR C 101 -16.30 -14.81 24.08
C TYR C 101 -15.52 -14.40 25.29
N ILE C 102 -14.30 -14.91 25.44
CA ILE C 102 -13.39 -14.46 26.47
C ILE C 102 -12.00 -14.16 25.92
N SER C 103 -11.42 -13.06 26.37
CA SER C 103 -10.11 -12.61 25.87
C SER C 103 -9.63 -11.45 26.73
N PHE C 104 -8.48 -10.87 26.36
CA PHE C 104 -8.07 -9.60 26.92
C PHE C 104 -8.64 -8.40 26.13
N ASP C 105 -8.50 -7.19 26.69
CA ASP C 105 -8.91 -5.97 26.00
C ASP C 105 -7.86 -5.74 24.91
N ASN C 106 -8.16 -6.23 23.72
CA ASN C 106 -7.14 -6.29 22.65
C ASN C 106 -6.80 -4.93 22.02
N GLU C 107 -7.77 -4.01 21.98
CA GLU C 107 -7.50 -2.63 21.59
C GLU C 107 -6.55 -1.98 22.56
N LYS C 108 -6.77 -2.25 23.84
CA LYS C 108 -5.92 -1.71 24.87
C LYS C 108 -4.49 -2.21 24.69
N VAL C 109 -4.32 -3.48 24.29
CA VAL C 109 -2.97 -4.01 24.00
C VAL C 109 -2.26 -3.12 22.97
N GLY C 110 -3.01 -2.75 21.95
CA GLY C 110 -2.49 -1.87 20.90
C GLY C 110 -2.10 -0.49 21.40
N GLU C 111 -2.96 0.14 22.20
CA GLU C 111 -2.59 1.43 22.80
C GLU C 111 -1.29 1.36 23.59
N LEU C 112 -1.16 0.33 24.40
CA LEU C 112 0.02 0.11 25.22
C LEU C 112 1.30 0.02 24.36
N GLN C 113 1.27 -0.83 23.35
CA GLN C 113 2.37 -0.95 22.38
C GLN C 113 2.77 0.38 21.72
N ALA C 114 1.81 1.09 21.15
CA ALA C 114 2.15 2.34 20.47
C ALA C 114 2.58 3.43 21.46
N LYS C 115 1.91 3.51 22.62
CA LYS C 115 2.24 4.48 23.66
C LYS C 115 3.69 4.37 24.13
N ALA C 116 4.15 3.14 24.38
CA ALA C 116 5.55 2.91 24.78
C ALA C 116 6.57 3.39 23.74
N LEU C 117 6.19 3.29 22.46
CA LEU C 117 7.10 3.70 21.38
C LEU C 117 7.13 5.23 21.24
N VAL C 118 5.97 5.88 21.22
CA VAL C 118 5.97 7.32 21.17
C VAL C 118 6.63 7.99 22.39
N ASP C 119 6.62 7.33 23.57
CA ASP C 119 7.36 7.87 24.73
C ASP C 119 8.85 7.98 24.45
N ILE C 120 9.43 7.02 23.71
CA ILE C 120 10.87 7.15 23.45
C ILE C 120 11.25 7.65 22.05
N VAL C 121 10.33 7.49 21.10
CA VAL C 121 10.54 7.95 19.74
C VAL C 121 9.33 8.80 19.30
N PRO C 122 9.25 10.06 19.77
CA PRO C 122 8.08 10.89 19.41
C PRO C 122 8.10 11.50 17.98
N GLN C 123 9.24 11.45 17.30
CA GLN C 123 9.38 11.86 15.87
C GLN C 123 10.02 10.75 15.08
N GLY C 124 9.77 10.72 13.77
CA GLY C 124 10.60 9.92 12.85
C GLY C 124 9.84 8.96 11.95
N ASN C 125 10.53 7.88 11.53
CA ASN C 125 9.97 6.92 10.60
C ASN C 125 9.54 5.62 11.29
N TYR C 126 8.27 5.29 11.18
CA TYR C 126 7.69 4.12 11.86
C TYR C 126 7.30 3.03 10.86
N PHE C 127 7.53 1.78 11.24
CA PHE C 127 7.06 0.67 10.42
C PHE C 127 5.96 -0.07 11.16
N LEU C 128 4.84 -0.30 10.48
CA LEU C 128 3.74 -0.99 11.14
C LEU C 128 3.78 -2.46 10.76
N MET C 129 3.91 -3.33 11.76
CA MET C 129 3.98 -4.77 11.56
C MET C 129 2.81 -5.44 12.28
N GLY C 130 1.74 -5.68 11.54
CA GLY C 130 0.54 -6.31 12.11
C GLY C 130 0.71 -7.82 12.19
N GLY C 131 -0.35 -8.46 12.67
CA GLY C 131 -0.35 -9.91 12.80
C GLY C 131 -1.06 -10.62 11.65
N SER C 132 -1.59 -11.80 11.96
CA SER C 132 -2.20 -12.60 10.93
C SER C 132 -3.39 -11.85 10.37
N PRO C 133 -3.47 -11.73 9.02
CA PRO C 133 -4.61 -10.95 8.49
C PRO C 133 -5.95 -11.68 8.60
N VAL C 134 -5.98 -12.93 9.08
CA VAL C 134 -7.25 -13.65 9.33
C VAL C 134 -7.55 -13.83 10.84
N ASP C 135 -6.79 -13.11 11.67
CA ASP C 135 -7.00 -13.06 13.10
C ASP C 135 -7.69 -11.74 13.45
N ASN C 136 -8.92 -11.82 13.93
CA ASN C 136 -9.62 -10.60 14.38
C ASN C 136 -8.80 -9.75 15.40
N ASN C 137 -8.06 -10.39 16.30
CA ASN C 137 -7.18 -9.66 17.21
C ASN C 137 -6.16 -8.74 16.51
N ALA C 138 -5.58 -9.19 15.40
CA ALA C 138 -4.60 -8.39 14.69
C ALA C 138 -5.19 -7.03 14.31
N LYS C 139 -6.46 -7.03 13.90
CA LYS C 139 -7.18 -5.81 13.58
C LYS C 139 -7.39 -4.93 14.84
N LEU C 140 -7.72 -5.55 15.97
CA LEU C 140 -7.89 -4.81 17.23
C LEU C 140 -6.58 -4.18 17.72
N PHE C 141 -5.48 -4.94 17.68
CA PHE C 141 -4.18 -4.38 18.07
C PHE C 141 -3.84 -3.17 17.22
N ARG C 142 -4.12 -3.27 15.92
CA ARG C 142 -3.82 -2.18 14.98
C ARG C 142 -4.70 -0.96 15.28
N ALA C 143 -5.98 -1.20 15.57
CA ALA C 143 -6.90 -0.10 15.94
C ALA C 143 -6.40 0.64 17.19
N GLY C 144 -5.95 -0.11 18.19
CA GLY C 144 -5.33 0.48 19.37
C GLY C 144 -4.05 1.22 19.09
N GLN C 145 -3.20 0.64 18.25
CA GLN C 145 -1.98 1.31 17.82
C GLN C 145 -2.29 2.64 17.15
N MET C 146 -3.25 2.64 16.23
CA MET C 146 -3.55 3.86 15.44
C MET C 146 -4.28 4.98 16.25
N LYS C 147 -5.04 4.60 17.27
CA LYS C 147 -5.66 5.61 18.13
C LYS C 147 -4.58 6.48 18.76
N VAL C 148 -3.51 5.86 19.23
CA VAL C 148 -2.33 6.56 19.73
C VAL C 148 -1.50 7.28 18.63
N LEU C 149 -1.25 6.62 17.50
CA LEU C 149 -0.37 7.15 16.46
C LEU C 149 -0.98 8.29 15.61
N LYS C 150 -2.27 8.25 15.39
CA LYS C 150 -2.95 9.20 14.50
C LYS C 150 -2.49 10.66 14.66
N PRO C 151 -2.55 11.22 15.88
CA PRO C 151 -2.21 12.64 15.98
C PRO C 151 -0.75 12.93 15.72
N TYR C 152 0.11 11.96 16.01
CA TYR C 152 1.52 12.08 15.66
C TYR C 152 1.71 12.11 14.12
N VAL C 153 0.90 11.32 13.40
CA VAL C 153 1.03 11.25 11.94
C VAL C 153 0.43 12.50 11.34
N ASP C 154 -0.80 12.83 11.77
CA ASP C 154 -1.47 14.06 11.31
C ASP C 154 -0.60 15.31 11.49
N SER C 155 0.05 15.47 12.64
CA SER C 155 0.84 16.70 12.91
C SER C 155 2.22 16.69 12.24
N GLY C 156 2.60 15.54 11.69
CA GLY C 156 3.87 15.45 10.98
C GLY C 156 5.06 15.09 11.83
N LYS C 157 4.84 14.62 13.06
CA LYS C 157 5.95 14.18 13.91
C LYS C 157 6.43 12.81 13.41
N ILE C 158 5.49 11.92 13.16
CA ILE C 158 5.79 10.55 12.71
C ILE C 158 5.35 10.36 11.25
N LYS C 159 6.21 9.73 10.43
CA LYS C 159 5.83 9.22 9.10
C LYS C 159 5.77 7.70 9.14
N VAL C 160 4.70 7.12 8.58
CA VAL C 160 4.64 5.68 8.38
C VAL C 160 5.33 5.33 7.05
N VAL C 161 6.43 4.59 7.12
CA VAL C 161 7.20 4.24 5.93
C VAL C 161 6.95 2.80 5.41
N GLY C 162 6.12 2.03 6.09
CA GLY C 162 5.84 0.68 5.69
C GLY C 162 4.74 0.10 6.56
N ASP C 163 3.99 -0.86 6.04
CA ASP C 163 2.83 -1.40 6.74
C ASP C 163 2.51 -2.76 6.16
N GLN C 164 2.93 -3.81 6.85
CA GLN C 164 2.70 -5.16 6.39
C GLN C 164 2.13 -5.99 7.50
N TRP C 165 1.45 -7.07 7.12
CA TRP C 165 0.80 -7.97 8.07
C TRP C 165 1.52 -9.31 8.00
N VAL C 166 1.85 -9.91 9.15
CA VAL C 166 2.66 -11.14 9.15
C VAL C 166 1.82 -12.40 9.09
N ASP C 167 1.92 -13.09 7.95
CA ASP C 167 1.16 -14.31 7.74
C ASP C 167 1.48 -15.33 8.84
N GLY C 168 0.45 -15.89 9.46
CA GLY C 168 0.60 -16.93 10.46
C GLY C 168 1.32 -16.52 11.73
N TRP C 169 1.49 -15.21 11.96
CA TRP C 169 2.20 -14.69 13.14
C TRP C 169 3.61 -15.30 13.26
N LEU C 170 4.23 -15.55 12.12
CA LEU C 170 5.43 -16.37 12.09
C LEU C 170 6.71 -15.54 12.09
N PRO C 171 7.62 -15.84 13.03
CA PRO C 171 8.93 -15.19 13.11
C PRO C 171 9.66 -15.12 11.77
N GLU C 172 9.76 -16.23 11.04
CA GLU C 172 10.46 -16.24 9.74
C GLU C 172 9.83 -15.25 8.74
N ASN C 173 8.50 -15.22 8.71
CA ASN C 173 7.79 -14.26 7.85
C ASN C 173 8.14 -12.80 8.24
N ALA C 174 8.14 -12.49 9.52
CA ALA C 174 8.51 -11.14 9.99
C ALA C 174 9.94 -10.78 9.60
N LEU C 175 10.82 -11.78 9.63
CA LEU C 175 12.22 -11.57 9.29
C LEU C 175 12.38 -11.07 7.83
N LYS C 176 11.73 -11.79 6.89
CA LYS C 176 11.72 -11.44 5.48
C LYS C 176 11.13 -10.05 5.26
N ILE C 177 10.04 -9.75 5.97
CA ILE C 177 9.35 -8.45 5.83
C ILE C 177 10.28 -7.32 6.27
N MET C 178 10.88 -7.47 7.46
CA MET C 178 11.78 -6.46 8.02
C MET C 178 13.07 -6.32 7.20
N GLU C 179 13.65 -7.46 6.78
CA GLU C 179 14.86 -7.44 5.94
C GLU C 179 14.62 -6.55 4.72
N ASN C 180 13.51 -6.79 4.05
CA ASN C 180 13.18 -6.05 2.83
C ASN C 180 12.75 -4.60 3.11
N ALA C 181 11.99 -4.37 4.18
CA ALA C 181 11.63 -2.98 4.58
C ALA C 181 12.86 -2.10 4.91
N LEU C 182 13.82 -2.65 5.64
CA LEU C 182 15.03 -1.89 5.90
C LEU C 182 15.78 -1.53 4.61
N THR C 183 16.00 -2.52 3.74
CA THR C 183 16.62 -2.25 2.45
C THR C 183 15.87 -1.16 1.67
N ALA C 184 14.54 -1.27 1.60
CA ALA C 184 13.73 -0.33 0.81
C ALA C 184 13.78 1.10 1.35
N ASN C 185 14.08 1.23 2.64
CA ASN C 185 14.12 2.51 3.33
C ASN C 185 15.54 2.98 3.67
N ASN C 186 16.53 2.28 3.13
CA ASN C 186 17.93 2.58 3.35
C ASN C 186 18.21 2.68 4.86
N ASN C 187 17.67 1.71 5.58
CA ASN C 187 17.73 1.61 7.04
C ASN C 187 17.12 2.78 7.82
N LYS C 188 16.37 3.67 7.17
CA LYS C 188 15.81 4.79 7.91
C LYS C 188 14.47 4.41 8.56
N ILE C 189 14.53 3.57 9.57
CA ILE C 189 13.37 3.23 10.38
C ILE C 189 13.74 3.45 11.85
N ASP C 190 12.95 4.25 12.55
CA ASP C 190 13.26 4.62 13.92
C ASP C 190 12.51 3.77 14.96
N ALA C 191 11.35 3.26 14.58
CA ALA C 191 10.56 2.37 15.44
C ALA C 191 9.73 1.37 14.61
N VAL C 192 9.60 0.16 15.14
CA VAL C 192 8.77 -0.88 14.56
C VAL C 192 7.60 -1.20 15.48
N VAL C 193 6.37 -1.03 14.98
CA VAL C 193 5.20 -1.37 15.77
C VAL C 193 4.82 -2.82 15.49
N ALA C 194 5.56 -3.74 16.13
CA ALA C 194 5.29 -5.18 15.95
C ALA C 194 4.21 -5.64 16.92
N SER C 195 3.39 -6.58 16.51
CA SER C 195 2.16 -6.87 17.26
C SER C 195 2.25 -8.03 18.25
N ASN C 196 3.36 -8.79 18.23
CA ASN C 196 3.63 -9.81 19.24
C ASN C 196 5.11 -10.11 19.32
N ASP C 197 5.53 -10.87 20.33
CA ASP C 197 6.95 -11.15 20.60
C ASP C 197 7.57 -12.00 19.49
N ALA C 198 6.84 -13.02 19.06
CA ALA C 198 7.38 -13.94 18.08
C ALA C 198 7.77 -13.16 16.82
N THR C 199 6.87 -12.30 16.31
CA THR C 199 7.21 -11.48 15.16
C THR C 199 8.28 -10.44 15.46
N ALA C 200 8.20 -9.81 16.64
CA ALA C 200 9.22 -8.83 17.05
C ALA C 200 10.60 -9.48 16.99
N GLY C 201 10.68 -10.72 17.46
CA GLY C 201 11.92 -11.48 17.40
C GLY C 201 12.49 -11.55 16.00
N GLY C 202 11.62 -11.81 15.01
CA GLY C 202 12.04 -11.86 13.60
C GLY C 202 12.57 -10.54 13.07
N ALA C 203 11.87 -9.45 13.43
CA ALA C 203 12.26 -8.09 13.04
C ALA C 203 13.61 -7.66 13.62
N ILE C 204 13.77 -7.95 14.91
CA ILE C 204 15.01 -7.67 15.63
C ILE C 204 16.21 -8.40 15.02
N GLN C 205 16.01 -9.63 14.56
CA GLN C 205 17.09 -10.33 13.84
C GLN C 205 17.51 -9.53 12.59
N ALA C 206 16.52 -9.03 11.85
CA ALA C 206 16.80 -8.18 10.70
C ALA C 206 17.51 -6.86 11.10
N LEU C 207 17.07 -6.24 12.20
CA LEU C 207 17.69 -5.01 12.71
C LEU C 207 19.12 -5.31 13.14
N SER C 208 19.28 -6.43 13.81
CA SER C 208 20.60 -6.89 14.21
C SER C 208 21.58 -7.00 13.03
N ALA C 209 21.18 -7.61 11.91
CA ALA C 209 22.06 -7.80 10.74
C ALA C 209 22.55 -6.49 10.11
N GLN C 210 21.90 -5.38 10.50
CA GLN C 210 22.23 -4.05 9.99
C GLN C 210 22.90 -3.20 11.07
N GLY C 211 23.10 -3.78 12.27
CA GLY C 211 23.66 -3.07 13.42
C GLY C 211 22.70 -2.07 14.02
N LEU C 212 21.39 -2.32 13.89
CA LEU C 212 20.39 -1.41 14.41
C LEU C 212 19.71 -2.00 15.63
N SER C 213 20.15 -3.19 16.00
CA SER C 213 19.66 -3.86 17.19
C SER C 213 20.04 -3.01 18.42
N GLY C 214 19.06 -2.58 19.20
CA GLY C 214 19.31 -1.71 20.33
C GLY C 214 19.03 -0.25 20.03
N LYS C 215 19.08 0.12 18.75
CA LYS C 215 18.94 1.51 18.35
C LYS C 215 17.55 1.84 17.84
N VAL C 216 16.74 0.81 17.62
CA VAL C 216 15.41 0.97 17.05
C VAL C 216 14.41 0.41 18.05
N ALA C 217 13.42 1.22 18.40
CA ALA C 217 12.37 0.85 19.32
C ALA C 217 11.37 -0.08 18.67
N ILE C 218 10.85 -1.03 19.44
CA ILE C 218 9.99 -2.07 18.90
C ILE C 218 9.11 -2.67 19.99
N SER C 219 7.82 -2.80 19.68
CA SER C 219 6.86 -3.32 20.63
C SER C 219 6.69 -4.85 20.52
N GLY C 220 5.93 -5.42 21.46
CA GLY C 220 5.70 -6.86 21.50
C GLY C 220 4.45 -7.25 22.25
N GLN C 221 4.26 -8.55 22.42
CA GLN C 221 3.14 -9.11 23.15
C GLN C 221 3.40 -10.58 23.51
N ASP C 222 2.88 -10.98 24.68
CA ASP C 222 2.85 -12.37 25.18
C ASP C 222 3.80 -12.62 26.33
N ALA C 223 4.83 -11.79 26.43
CA ALA C 223 5.92 -12.02 27.38
C ALA C 223 6.47 -13.45 27.26
N ASP C 224 6.80 -13.84 26.01
CA ASP C 224 7.58 -15.05 25.76
C ASP C 224 8.93 -14.87 26.45
N LEU C 225 9.53 -16.00 26.83
CA LEU C 225 10.83 -15.95 27.47
C LEU C 225 11.81 -15.09 26.69
N ALA C 226 11.93 -15.35 25.38
CA ALA C 226 12.92 -14.63 24.56
C ALA C 226 12.62 -13.14 24.49
N GLY C 227 11.34 -12.81 24.52
CA GLY C 227 10.92 -11.40 24.57
C GLY C 227 11.37 -10.71 25.86
N ILE C 228 11.11 -11.38 26.99
CA ILE C 228 11.54 -10.85 28.29
C ILE C 228 13.06 -10.66 28.31
N LYS C 229 13.80 -11.68 27.86
CA LYS C 229 15.27 -11.57 27.80
C LYS C 229 15.74 -10.47 26.84
N ARG C 230 15.01 -10.24 25.75
CA ARG C 230 15.37 -9.17 24.83
C ARG C 230 15.15 -7.79 25.45
N ILE C 231 14.09 -7.68 26.25
CA ILE C 231 13.75 -6.43 26.94
C ILE C 231 14.85 -6.09 27.96
N ALA C 232 15.23 -7.07 28.77
CA ALA C 232 16.35 -6.95 29.70
C ALA C 232 17.65 -6.49 29.01
N ALA C 233 17.92 -7.01 27.81
CA ALA C 233 19.16 -6.71 27.09
C ALA C 233 19.12 -5.38 26.32
N GLY C 234 17.95 -4.73 26.28
CA GLY C 234 17.82 -3.45 25.58
C GLY C 234 17.48 -3.61 24.09
N THR C 235 17.01 -4.79 23.72
CA THR C 235 16.87 -5.10 22.30
C THR C 235 15.39 -5.04 21.86
N GLN C 236 14.49 -5.29 22.80
CA GLN C 236 13.07 -5.04 22.62
C GLN C 236 12.66 -3.98 23.67
N THR C 237 11.76 -3.08 23.28
CA THR C 237 11.37 -1.95 24.13
C THR C 237 10.42 -2.40 25.24
N MET C 238 9.47 -3.24 24.89
CA MET C 238 8.44 -3.65 25.81
C MET C 238 7.70 -4.83 25.24
N THR C 239 6.89 -5.48 26.07
CA THR C 239 5.94 -6.50 25.63
C THR C 239 4.66 -6.29 26.43
N VAL C 240 3.56 -6.86 25.98
CA VAL C 240 2.35 -6.79 26.76
C VAL C 240 2.10 -8.16 27.34
N TYR C 241 2.22 -8.25 28.67
CA TYR C 241 1.99 -9.47 29.43
C TYR C 241 0.50 -9.69 29.67
N LYS C 242 0.02 -10.86 29.28
CA LYS C 242 -1.38 -11.26 29.47
C LYS C 242 -1.39 -12.56 30.29
N PRO C 243 -1.78 -12.50 31.57
CA PRO C 243 -1.65 -13.71 32.39
C PRO C 243 -2.54 -14.88 31.94
N ILE C 244 -1.89 -15.91 31.42
CA ILE C 244 -2.58 -17.05 30.83
C ILE C 244 -3.42 -17.81 31.85
N THR C 245 -2.86 -18.02 33.06
CA THR C 245 -3.57 -18.68 34.17
C THR C 245 -4.96 -18.09 34.36
N LEU C 246 -5.03 -16.76 34.46
CA LEU C 246 -6.31 -16.08 34.62
C LEU C 246 -7.28 -16.45 33.50
N LEU C 247 -6.79 -16.32 32.27
CA LEU C 247 -7.63 -16.50 31.11
C LEU C 247 -8.16 -17.93 31.03
N ALA C 248 -7.28 -18.92 31.13
CA ALA C 248 -7.64 -20.31 30.91
C ALA C 248 -8.49 -20.85 32.04
N ASN C 249 -8.13 -20.50 33.28
CA ASN C 249 -8.94 -20.87 34.45
C ASN C 249 -10.35 -20.32 34.30
N THR C 250 -10.45 -19.04 33.98
CA THR C 250 -11.78 -18.40 33.83
C THR C 250 -12.56 -18.99 32.66
N ALA C 251 -11.86 -19.24 31.55
CA ALA C 251 -12.49 -19.89 30.39
C ALA C 251 -13.07 -21.28 30.72
N ALA C 252 -12.28 -22.06 31.46
CA ALA C 252 -12.70 -23.38 31.97
C ALA C 252 -13.97 -23.28 32.79
N GLU C 253 -13.97 -22.38 33.77
CA GLU C 253 -15.15 -22.11 34.60
C GLU C 253 -16.36 -21.81 33.74
N ILE C 254 -16.17 -20.89 32.79
CA ILE C 254 -17.22 -20.51 31.82
C ILE C 254 -17.69 -21.70 30.98
N ALA C 255 -16.74 -22.49 30.49
CA ALA C 255 -17.06 -23.62 29.64
C ALA C 255 -17.98 -24.61 30.36
N VAL C 256 -17.64 -24.90 31.62
CA VAL C 256 -18.41 -25.82 32.46
C VAL C 256 -19.78 -25.19 32.78
N GLU C 257 -19.80 -23.92 33.17
CA GLU C 257 -21.09 -23.23 33.33
C GLU C 257 -21.94 -23.40 32.08
N LEU C 258 -21.34 -23.19 30.89
CA LEU C 258 -22.10 -23.33 29.63
C LEU C 258 -22.59 -24.75 29.43
N GLY C 259 -21.69 -25.70 29.72
CA GLY C 259 -22.04 -27.12 29.73
C GLY C 259 -23.24 -27.46 30.59
N ASN C 260 -23.37 -26.77 31.72
CA ASN C 260 -24.47 -26.98 32.65
C ASN C 260 -25.70 -26.11 32.39
N GLY C 261 -25.73 -25.47 31.21
CA GLY C 261 -26.87 -24.65 30.79
C GLY C 261 -27.08 -23.39 31.59
N GLN C 262 -26.03 -22.91 32.25
CA GLN C 262 -26.05 -21.61 32.94
C GLN C 262 -25.60 -20.47 32.01
N GLU C 263 -26.02 -19.26 32.36
CA GLU C 263 -25.62 -18.04 31.64
C GLU C 263 -24.48 -17.36 32.40
N PRO C 264 -23.23 -17.43 31.86
CA PRO C 264 -22.05 -16.91 32.56
C PRO C 264 -22.09 -15.39 32.81
N LYS C 265 -21.24 -14.93 33.73
CA LYS C 265 -21.15 -13.50 34.05
C LYS C 265 -20.36 -12.75 32.96
N ALA C 266 -21.04 -11.79 32.33
CA ALA C 266 -20.47 -10.99 31.23
C ALA C 266 -20.07 -9.57 31.67
N ASP C 267 -18.91 -9.11 31.21
CA ASP C 267 -18.47 -7.72 31.39
C ASP C 267 -19.23 -6.77 30.47
N THR C 268 -19.47 -7.23 29.24
CA THR C 268 -20.08 -6.41 28.21
C THR C 268 -20.52 -7.26 27.03
N THR C 269 -21.06 -6.58 26.03
CA THR C 269 -21.54 -7.19 24.83
C THR C 269 -20.66 -6.70 23.64
N LEU C 270 -20.24 -7.62 22.78
CA LEU C 270 -19.44 -7.25 21.60
C LEU C 270 -20.11 -7.77 20.36
N ASN C 271 -20.36 -6.89 19.40
CA ASN C 271 -21.02 -7.32 18.18
C ASN C 271 -19.99 -7.94 17.20
N ASN C 272 -20.28 -9.15 16.71
CA ASN C 272 -19.34 -9.86 15.83
C ASN C 272 -19.72 -9.83 14.36
N GLY C 273 -20.75 -9.06 14.02
CA GLY C 273 -21.25 -8.97 12.67
C GLY C 273 -22.58 -9.68 12.59
N LEU C 274 -22.76 -10.70 13.43
CA LEU C 274 -24.02 -11.43 13.47
C LEU C 274 -24.87 -11.09 14.69
N LYS C 275 -24.21 -10.91 15.82
CA LYS C 275 -24.95 -10.78 17.05
C LYS C 275 -24.11 -10.12 18.14
N ASP C 276 -24.78 -9.68 19.20
CA ASP C 276 -24.12 -9.15 20.38
C ASP C 276 -23.68 -10.35 21.20
N VAL C 277 -22.38 -10.50 21.40
CA VAL C 277 -21.86 -11.68 22.09
C VAL C 277 -21.46 -11.33 23.53
N PRO C 278 -22.09 -12.02 24.50
CA PRO C 278 -21.67 -11.90 25.90
C PRO C 278 -20.17 -12.13 25.98
N SER C 279 -19.45 -11.12 26.44
CA SER C 279 -18.01 -11.16 26.44
C SER C 279 -17.45 -10.78 27.79
N ARG C 280 -16.31 -11.39 28.10
CA ARG C 280 -15.60 -11.18 29.32
C ARG C 280 -14.18 -10.77 28.95
N LEU C 281 -13.76 -9.57 29.36
CA LEU C 281 -12.51 -8.97 28.87
C LEU C 281 -11.51 -8.64 29.97
N LEU C 282 -10.33 -9.24 29.89
CA LEU C 282 -9.33 -9.14 30.95
C LEU C 282 -8.26 -8.07 30.71
N THR C 283 -7.53 -7.74 31.76
CA THR C 283 -6.66 -6.58 31.77
C THR C 283 -5.23 -6.95 31.38
N PRO C 284 -4.75 -6.38 30.26
CA PRO C 284 -3.36 -6.62 29.84
C PRO C 284 -2.38 -5.77 30.62
N ILE C 285 -1.13 -6.22 30.69
CA ILE C 285 -0.11 -5.58 31.51
C ILE C 285 1.10 -5.15 30.67
N ASP C 286 1.45 -3.87 30.80
CA ASP C 286 2.58 -3.24 30.13
C ASP C 286 3.88 -3.60 30.85
N VAL C 287 4.78 -4.28 30.14
CA VAL C 287 6.07 -4.72 30.70
C VAL C 287 7.27 -4.13 29.96
N ASN C 288 8.23 -3.60 30.72
CA ASN C 288 9.45 -3.02 30.17
C ASN C 288 10.61 -3.39 31.05
N LYS C 289 11.78 -2.79 30.80
CA LYS C 289 13.00 -3.12 31.54
C LYS C 289 12.93 -2.87 33.04
N ASN C 290 12.04 -1.97 33.46
CA ASN C 290 11.96 -1.58 34.88
C ASN C 290 11.00 -2.40 35.75
N ASN C 291 10.11 -3.18 35.14
CA ASN C 291 9.16 -3.95 35.97
C ASN C 291 9.06 -5.45 35.70
N ILE C 292 10.09 -6.03 35.06
CA ILE C 292 10.09 -7.47 34.80
C ILE C 292 9.95 -8.27 36.09
N LYS C 293 10.79 -7.93 37.06
CA LYS C 293 10.75 -8.56 38.38
C LYS C 293 9.35 -8.53 39.01
N ASP C 294 8.70 -7.36 38.96
CA ASP C 294 7.42 -7.11 39.66
C ASP C 294 6.23 -7.84 39.05
N THR C 295 6.34 -8.19 37.78
CA THR C 295 5.19 -8.66 37.00
C THR C 295 5.28 -10.13 36.63
N VAL C 296 6.15 -10.47 35.68
CA VAL C 296 6.22 -11.86 35.20
C VAL C 296 6.91 -12.80 36.18
N ILE C 297 7.96 -12.31 36.83
CA ILE C 297 8.71 -13.13 37.79
C ILE C 297 7.86 -13.38 39.04
N LYS C 298 7.41 -12.28 39.64
CA LYS C 298 6.53 -12.32 40.82
C LYS C 298 5.28 -13.22 40.61
N ASP C 299 4.70 -13.21 39.42
CA ASP C 299 3.60 -14.15 39.12
C ASP C 299 4.07 -15.59 38.94
N GLY C 300 5.37 -15.79 38.72
CA GLY C 300 5.91 -17.11 38.44
C GLY C 300 5.71 -17.57 37.02
N PHE C 301 5.41 -16.61 36.12
CA PHE C 301 5.28 -16.84 34.67
C PHE C 301 6.58 -17.30 33.99
N HIS C 302 7.69 -16.70 34.41
CA HIS C 302 9.03 -17.23 34.17
C HIS C 302 9.83 -17.15 35.47
N LYS C 303 10.81 -18.04 35.64
CA LYS C 303 11.67 -18.05 36.83
C LYS C 303 12.90 -17.17 36.62
N GLU C 304 13.40 -16.59 37.70
CA GLU C 304 14.59 -15.73 37.68
C GLU C 304 15.79 -16.40 37.03
N SER C 305 15.95 -17.70 37.27
CA SER C 305 17.08 -18.48 36.75
C SER C 305 17.15 -18.55 35.22
N GLU C 306 15.98 -18.39 34.58
CA GLU C 306 15.84 -18.50 33.14
C GLU C 306 16.34 -17.25 32.43
N LEU C 307 16.70 -16.22 33.20
CA LEU C 307 17.19 -14.97 32.64
C LEU C 307 18.71 -14.87 32.71
#